data_4OK3
#
_entry.id   4OK3
#
_cell.length_a   81.394
_cell.length_b   104.232
_cell.length_c   117.954
_cell.angle_alpha   90.000
_cell.angle_beta   90.000
_cell.angle_gamma   90.000
#
_symmetry.space_group_name_H-M   'P 21 21 21'
#
loop_
_entity.id
_entity.type
_entity.pdbx_description
1 polymer 'Serine protease NS3'
2 non-polymer '[1-(3-chlorobenzyl)-1H-indol-3-yl]acetic acid'
3 non-polymer 'CALCIUM ION'
4 water water
#
_entity_poly.entity_id   1
_entity_poly.type   'polypeptide(L)'
_entity_poly.pdbx_seq_one_letter_code
;MGSSHHHHHHSSGRSPVFTDNSSPPAVPQSFQVAHLHAPTGSGKSTKVPAAYAAQGYKVLVLNPSVAATLGFGAYMSKAH
GVDPNIRTGVRTITTGSPITYSTYGKFLADGGCSGGAYDIIICDECHSTDATSILGIGTVLDQAETAGARLVVLATATPP
GSVTVSHPNIEEVALSTTGEIPFYGKAIPLEVIKGGRHLIFCHSKKKCDELAAKLVALGINAVAYYRGLDVSVIPTNGDV
VVVSTDALMTGFTGDFDSVIDCNTCVTQTVDFSLDPTFTIETTTLPQDAVSRTQRRGRTGRGKPGIYRFVAPGERPSGMF
DSSVLCECYDAGCAWYELMPAETTVRLRAYMNTPGLPVCQDHLEFWEGVFTGLTHIDAHFLSQTKQSGENFPYLVAYQAT
VCARAQAPPPSWDQMWKCLIRLKPTLHGPTPLLYRLGAVQNEVTLTHPITKYIMTCMSADLEVV
;
_entity_poly.pdbx_strand_id   A,B
#
# COMPACT_ATOMS: atom_id res chain seq x y z
N ASN A 21 -17.25 -10.20 14.56
CA ASN A 21 -17.30 -11.10 15.71
C ASN A 21 -16.43 -10.53 16.86
N SER A 22 -17.08 -9.90 17.82
CA SER A 22 -16.41 -9.09 18.84
C SER A 22 -16.39 -9.70 20.24
N SER A 23 -17.03 -10.85 20.42
CA SER A 23 -16.94 -11.57 21.70
C SER A 23 -16.32 -12.92 21.39
N PRO A 24 -15.61 -13.51 22.37
CA PRO A 24 -15.03 -14.86 22.15
C PRO A 24 -16.09 -15.84 21.61
N PRO A 25 -15.84 -16.45 20.44
CA PRO A 25 -16.83 -17.36 19.85
C PRO A 25 -16.88 -18.69 20.57
N ALA A 26 -18.06 -19.29 20.63
CA ALA A 26 -18.24 -20.58 21.29
C ALA A 26 -17.61 -21.66 20.44
N VAL A 27 -17.12 -22.71 21.08
CA VAL A 27 -16.50 -23.79 20.35
C VAL A 27 -17.56 -24.55 19.57
N PRO A 28 -17.41 -24.59 18.23
CA PRO A 28 -18.38 -25.32 17.42
C PRO A 28 -18.17 -26.81 17.60
N GLN A 29 -19.08 -27.60 17.05
CA GLN A 29 -18.92 -29.02 17.10
C GLN A 29 -17.95 -29.48 16.03
N SER A 30 -18.04 -28.89 14.85
CA SER A 30 -17.10 -29.15 13.76
C SER A 30 -16.26 -27.92 13.41
N PHE A 31 -15.17 -28.14 12.68
CA PHE A 31 -14.13 -27.13 12.45
C PHE A 31 -14.64 -25.81 11.87
N GLN A 32 -14.18 -24.72 12.46
CA GLN A 32 -14.45 -23.40 11.90
C GLN A 32 -13.26 -22.46 12.16
N VAL A 33 -13.15 -21.44 11.32
CA VAL A 33 -12.23 -20.35 11.52
C VAL A 33 -13.00 -19.10 11.87
N ALA A 34 -12.75 -18.53 13.04
CA ALA A 34 -13.49 -17.36 13.45
C ALA A 34 -12.58 -16.14 13.65
N HIS A 35 -13.08 -14.95 13.32
CA HIS A 35 -12.33 -13.73 13.57
C HIS A 35 -12.78 -13.10 14.85
N LEU A 36 -11.84 -12.74 15.71
CA LEU A 36 -12.18 -12.04 16.93
C LEU A 36 -11.61 -10.64 16.86
N HIS A 37 -12.47 -9.64 16.80
CA HIS A 37 -12.04 -8.25 16.74
C HIS A 37 -12.45 -7.59 18.07
N ALA A 38 -11.44 -7.23 18.87
CA ALA A 38 -11.68 -6.68 20.20
C ALA A 38 -10.45 -5.92 20.67
N PRO A 39 -10.63 -4.95 21.60
CA PRO A 39 -9.50 -4.15 22.09
C PRO A 39 -8.39 -4.96 22.75
N THR A 40 -7.22 -4.34 22.91
CA THR A 40 -6.06 -4.98 23.52
C THR A 40 -6.30 -5.40 24.99
N GLY A 41 -6.95 -4.52 25.76
CA GLY A 41 -7.28 -4.80 27.15
C GLY A 41 -8.38 -5.82 27.34
N SER A 42 -8.97 -6.28 26.23
CA SER A 42 -9.97 -7.35 26.25
C SER A 42 -9.39 -8.71 26.68
N GLY A 43 -8.08 -8.75 26.92
CA GLY A 43 -7.43 -9.98 27.30
C GLY A 43 -7.64 -11.04 26.26
N LYS A 44 -7.44 -10.67 24.99
CA LYS A 44 -7.48 -11.66 23.92
C LYS A 44 -6.49 -12.77 24.21
N SER A 45 -5.41 -12.41 24.86
CA SER A 45 -4.29 -13.32 25.01
C SER A 45 -4.30 -14.00 26.38
N THR A 46 -5.18 -13.52 27.25
CA THR A 46 -5.22 -14.03 28.63
C THR A 46 -6.62 -14.52 29.02
N LYS A 47 -7.59 -13.61 29.07
CA LYS A 47 -8.95 -13.97 29.47
C LYS A 47 -9.57 -14.99 28.54
N VAL A 48 -9.46 -14.72 27.23
CA VAL A 48 -10.04 -15.62 26.24
C VAL A 48 -9.48 -17.04 26.29
N PRO A 49 -8.13 -17.21 26.27
CA PRO A 49 -7.60 -18.57 26.45
C PRO A 49 -8.00 -19.25 27.76
N ALA A 50 -8.04 -18.48 28.84
CA ALA A 50 -8.41 -19.00 30.16
C ALA A 50 -9.86 -19.54 30.20
N ALA A 51 -10.79 -18.78 29.64
CA ALA A 51 -12.19 -19.20 29.57
C ALA A 51 -12.34 -20.48 28.74
N TYR A 52 -11.59 -20.60 27.65
CA TYR A 52 -11.55 -21.84 26.88
C TYR A 52 -11.01 -23.03 27.65
N ALA A 53 -9.93 -22.79 28.39
CA ALA A 53 -9.32 -23.87 29.18
C ALA A 53 -10.28 -24.28 30.30
N ALA A 54 -10.89 -23.27 30.90
CA ALA A 54 -11.89 -23.48 31.94
C ALA A 54 -13.04 -24.34 31.46
N GLN A 55 -13.27 -24.37 30.14
CA GLN A 55 -14.30 -25.22 29.59
C GLN A 55 -13.73 -26.60 29.21
N GLY A 56 -12.46 -26.83 29.50
CA GLY A 56 -11.89 -28.14 29.24
C GLY A 56 -11.14 -28.35 27.93
N TYR A 57 -10.95 -27.27 27.18
CA TYR A 57 -10.17 -27.35 25.96
C TYR A 57 -8.69 -27.15 26.24
N LYS A 58 -7.85 -27.70 25.38
CA LYS A 58 -6.40 -27.40 25.35
C LYS A 58 -6.24 -26.30 24.30
N VAL A 59 -5.61 -25.19 24.68
CA VAL A 59 -5.55 -24.08 23.74
C VAL A 59 -4.12 -23.58 23.50
N LEU A 60 -3.80 -23.37 22.24
CA LEU A 60 -2.54 -22.76 21.84
C LEU A 60 -2.75 -21.28 21.55
N VAL A 61 -1.90 -20.43 22.13
CA VAL A 61 -1.95 -18.99 21.88
C VAL A 61 -0.69 -18.48 21.17
N LEU A 62 -0.84 -17.99 19.94
CA LEU A 62 0.32 -17.64 19.14
C LEU A 62 0.54 -16.14 19.07
N ASN A 63 1.80 -15.71 19.28
CA ASN A 63 2.16 -14.29 19.15
C ASN A 63 3.45 -14.09 18.34
N PRO A 64 3.57 -12.94 17.66
CA PRO A 64 4.79 -12.67 16.89
C PRO A 64 5.98 -12.42 17.79
N SER A 65 5.72 -11.76 18.91
CA SER A 65 6.81 -11.32 19.76
C SER A 65 7.23 -12.40 20.77
N VAL A 66 8.53 -12.59 20.90
CA VAL A 66 9.09 -13.40 21.97
C VAL A 66 8.74 -12.80 23.33
N ALA A 67 8.89 -11.49 23.45
CA ALA A 67 8.66 -10.79 24.73
C ALA A 67 7.21 -10.89 25.15
N ALA A 68 6.31 -10.79 24.18
CA ALA A 68 4.89 -10.96 24.46
C ALA A 68 4.59 -12.32 25.04
N THR A 69 5.10 -13.34 24.35
CA THR A 69 4.84 -14.74 24.69
C THR A 69 5.29 -14.97 26.11
N LEU A 70 6.55 -14.68 26.40
CA LEU A 70 7.10 -14.88 27.75
C LEU A 70 6.32 -14.05 28.77
N GLY A 71 5.81 -12.90 28.34
CA GLY A 71 5.08 -12.00 29.22
C GLY A 71 3.68 -12.44 29.60
N PHE A 72 2.97 -13.08 28.67
CA PHE A 72 1.68 -13.69 29.02
C PHE A 72 1.88 -14.85 29.98
N GLY A 73 2.97 -15.58 29.80
CA GLY A 73 3.31 -16.68 30.67
C GLY A 73 3.39 -16.15 32.09
N ALA A 74 4.14 -15.07 32.26
CA ALA A 74 4.42 -14.55 33.59
C ALA A 74 3.17 -13.96 34.20
N TYR A 75 2.43 -13.19 33.41
CA TYR A 75 1.18 -12.62 33.89
C TYR A 75 0.26 -13.73 34.40
N MET A 76 0.14 -14.84 33.68
CA MET A 76 -0.78 -15.91 34.09
C MET A 76 -0.34 -16.61 35.40
N SER A 77 0.96 -16.62 35.67
CA SER A 77 1.46 -17.26 36.89
C SER A 77 1.24 -16.37 38.09
N LYS A 78 1.66 -15.11 37.95
CA LYS A 78 1.55 -14.14 39.02
C LYS A 78 0.10 -13.85 39.30
N ALA A 79 -0.66 -13.52 38.26
CA ALA A 79 -2.03 -13.07 38.46
C ALA A 79 -3.03 -14.18 38.78
N HIS A 80 -2.89 -15.38 38.19
CA HIS A 80 -3.95 -16.38 38.33
C HIS A 80 -3.47 -17.77 38.70
N GLY A 81 -2.21 -17.90 39.07
CA GLY A 81 -1.69 -19.18 39.50
C GLY A 81 -1.78 -20.23 38.43
N VAL A 82 -1.82 -19.79 37.19
CA VAL A 82 -1.77 -20.70 36.05
C VAL A 82 -0.38 -20.68 35.45
N ASP A 83 0.29 -21.82 35.47
CA ASP A 83 1.63 -21.92 34.89
C ASP A 83 1.58 -22.56 33.50
N PRO A 84 1.45 -21.72 32.45
CA PRO A 84 1.28 -22.23 31.08
C PRO A 84 2.55 -22.88 30.56
N ASN A 85 2.40 -23.71 29.54
CA ASN A 85 3.51 -24.07 28.68
C ASN A 85 3.94 -22.84 27.91
N ILE A 86 5.24 -22.61 27.83
CA ILE A 86 5.76 -21.45 27.14
C ILE A 86 6.85 -21.88 26.16
N ARG A 87 6.57 -21.75 24.87
CA ARG A 87 7.50 -22.13 23.83
C ARG A 87 7.96 -20.93 23.01
N THR A 88 9.26 -20.76 22.95
CA THR A 88 9.84 -19.58 22.36
C THR A 88 11.18 -20.05 21.76
N GLY A 89 11.69 -19.35 20.76
CA GLY A 89 12.98 -19.71 20.17
C GLY A 89 14.08 -20.00 21.19
N VAL A 90 14.31 -19.06 22.08
CA VAL A 90 15.41 -19.11 23.02
C VAL A 90 15.14 -19.99 24.26
N ARG A 91 13.87 -20.32 24.50
CA ARG A 91 13.46 -20.91 25.79
C ARG A 91 12.16 -21.70 25.76
N THR A 92 12.13 -22.84 26.44
CA THR A 92 10.94 -23.69 26.44
C THR A 92 10.59 -24.22 27.82
N ILE A 93 9.34 -24.00 28.22
CA ILE A 93 8.83 -24.53 29.47
C ILE A 93 7.63 -25.42 29.19
N THR A 94 7.60 -26.61 29.78
CA THR A 94 6.48 -27.54 29.60
C THR A 94 5.84 -27.96 30.95
N THR A 95 4.67 -27.39 31.28
CA THR A 95 4.03 -27.69 32.57
C THR A 95 2.85 -28.66 32.45
N GLY A 96 2.48 -29.04 31.24
CA GLY A 96 1.35 -29.92 31.07
C GLY A 96 0.01 -29.21 31.18
N SER A 97 0.04 -27.91 31.45
CA SER A 97 -1.14 -27.07 31.47
C SER A 97 -1.97 -27.18 30.17
N PRO A 98 -3.27 -26.82 30.21
CA PRO A 98 -3.96 -26.92 28.92
C PRO A 98 -3.73 -25.65 28.08
N ILE A 99 -3.09 -24.65 28.66
CA ILE A 99 -2.75 -23.44 27.91
C ILE A 99 -1.28 -23.47 27.48
N THR A 100 -1.03 -23.30 26.19
CA THR A 100 0.32 -23.10 25.70
C THR A 100 0.46 -21.71 25.08
N TYR A 101 1.50 -20.96 25.48
CA TYR A 101 1.87 -19.73 24.78
C TYR A 101 3.09 -19.93 23.90
N SER A 102 2.96 -19.67 22.59
CA SER A 102 4.11 -19.79 21.69
C SER A 102 4.26 -18.64 20.69
N THR A 103 5.48 -18.44 20.23
CA THR A 103 5.68 -17.53 19.12
C THR A 103 5.34 -18.30 17.86
N TYR A 104 4.85 -17.58 16.86
CA TYR A 104 4.66 -18.14 15.54
C TYR A 104 5.95 -18.85 15.08
N GLY A 105 7.10 -18.20 15.29
CA GLY A 105 8.37 -18.75 14.84
C GLY A 105 8.65 -20.07 15.51
N LYS A 106 8.43 -20.14 16.83
CA LYS A 106 8.70 -21.37 17.55
C LYS A 106 7.70 -22.43 17.13
N PHE A 107 6.46 -22.01 16.88
CA PHE A 107 5.45 -22.90 16.32
C PHE A 107 5.90 -23.52 14.99
N LEU A 108 6.40 -22.70 14.06
CA LEU A 108 6.95 -23.24 12.83
C LEU A 108 8.12 -24.19 13.12
N ALA A 109 9.01 -23.80 14.02
CA ALA A 109 10.15 -24.67 14.37
C ALA A 109 9.69 -26.06 14.85
N ASP A 110 8.55 -26.09 15.54
CA ASP A 110 7.99 -27.31 16.10
C ASP A 110 7.20 -28.17 15.10
N GLY A 111 7.28 -27.82 13.80
CA GLY A 111 6.67 -28.61 12.74
C GLY A 111 5.26 -28.19 12.36
N GLY A 112 4.77 -27.16 13.05
CA GLY A 112 3.44 -26.64 12.81
C GLY A 112 2.45 -27.33 13.71
N CYS A 113 1.28 -27.65 13.18
CA CYS A 113 0.26 -28.37 13.94
C CYS A 113 0.65 -29.83 14.13
N SER A 114 1.11 -30.17 15.32
CA SER A 114 1.57 -31.53 15.57
C SER A 114 0.52 -32.35 16.32
N GLY A 115 -0.29 -33.09 15.57
CA GLY A 115 -1.25 -34.03 16.14
C GLY A 115 -2.30 -33.43 17.06
N GLY A 116 -3.18 -34.29 17.58
CA GLY A 116 -4.31 -33.86 18.40
C GLY A 116 -3.95 -33.11 19.68
N ALA A 117 -3.06 -32.13 19.56
CA ALA A 117 -2.48 -31.46 20.72
C ALA A 117 -3.36 -30.31 21.21
N TYR A 118 -4.09 -29.68 20.29
CA TYR A 118 -4.85 -28.48 20.64
C TYR A 118 -6.27 -28.51 20.08
N ASP A 119 -7.24 -28.29 20.95
CA ASP A 119 -8.62 -28.16 20.53
C ASP A 119 -8.78 -26.79 19.84
N ILE A 120 -8.12 -25.77 20.43
CA ILE A 120 -8.25 -24.40 19.98
C ILE A 120 -6.90 -23.69 19.74
N ILE A 121 -6.80 -23.03 18.60
CA ILE A 121 -5.60 -22.28 18.24
C ILE A 121 -5.91 -20.81 18.06
N ILE A 122 -5.39 -19.97 18.97
CA ILE A 122 -5.58 -18.54 18.82
C ILE A 122 -4.37 -17.91 18.16
N CYS A 123 -4.58 -17.37 16.97
CA CYS A 123 -3.57 -16.58 16.30
C CYS A 123 -3.79 -15.17 16.73
N ASP A 124 -3.10 -14.80 17.80
CA ASP A 124 -3.16 -13.45 18.34
C ASP A 124 -2.40 -12.46 17.43
N GLU A 125 -2.76 -11.17 17.48
CA GLU A 125 -2.17 -10.16 16.59
C GLU A 125 -2.16 -10.60 15.13
N CYS A 126 -3.27 -11.19 14.70
CA CYS A 126 -3.38 -11.71 13.35
C CYS A 126 -3.29 -10.63 12.25
N HIS A 127 -3.21 -9.37 12.67
CA HIS A 127 -2.92 -8.27 11.73
C HIS A 127 -1.42 -8.11 11.45
N SER A 128 -0.55 -8.81 12.20
CA SER A 128 0.91 -8.69 11.99
C SER A 128 1.31 -9.10 10.59
N THR A 129 2.25 -8.38 10.01
CA THR A 129 2.70 -8.70 8.68
C THR A 129 4.19 -8.98 8.66
N ASP A 130 4.77 -9.33 9.80
CA ASP A 130 6.10 -9.91 9.73
C ASP A 130 6.01 -11.37 9.28
N ALA A 131 7.15 -11.88 8.79
CA ALA A 131 7.22 -13.17 8.12
C ALA A 131 6.76 -14.34 8.99
N THR A 132 7.14 -14.34 10.27
CA THR A 132 6.74 -15.44 11.13
C THR A 132 5.22 -15.50 11.25
N SER A 133 4.58 -14.34 11.32
CA SER A 133 3.12 -14.28 11.47
C SER A 133 2.39 -14.82 10.23
N ILE A 134 2.77 -14.30 9.07
CA ILE A 134 2.16 -14.74 7.83
C ILE A 134 2.38 -16.24 7.57
N LEU A 135 3.60 -16.72 7.73
CA LEU A 135 3.87 -18.14 7.48
C LEU A 135 3.23 -19.01 8.58
N GLY A 136 3.31 -18.55 9.84
CA GLY A 136 2.68 -19.24 10.96
C GLY A 136 1.15 -19.33 10.85
N ILE A 137 0.50 -18.21 10.63
CA ILE A 137 -0.94 -18.23 10.47
C ILE A 137 -1.29 -19.07 9.23
N GLY A 138 -0.53 -18.89 8.15
CA GLY A 138 -0.73 -19.71 6.97
C GLY A 138 -0.72 -21.19 7.32
N THR A 139 0.20 -21.56 8.21
CA THR A 139 0.43 -22.94 8.58
C THR A 139 -0.71 -23.46 9.42
N VAL A 140 -1.15 -22.64 10.37
CA VAL A 140 -2.30 -22.96 11.19
C VAL A 140 -3.52 -23.24 10.31
N LEU A 141 -3.83 -22.31 9.43
CA LEU A 141 -4.98 -22.41 8.54
C LEU A 141 -4.90 -23.62 7.63
N ASP A 142 -3.69 -24.04 7.27
CA ASP A 142 -3.57 -25.19 6.36
C ASP A 142 -3.66 -26.53 7.10
N GLN A 143 -3.29 -26.55 8.37
CA GLN A 143 -3.05 -27.80 9.08
C GLN A 143 -3.99 -28.09 10.23
N ALA A 144 -4.62 -27.06 10.76
CA ALA A 144 -5.34 -27.19 12.02
C ALA A 144 -6.45 -28.24 11.95
N GLU A 145 -7.31 -28.17 10.94
CA GLU A 145 -8.46 -29.07 10.90
C GLU A 145 -8.00 -30.53 10.82
N THR A 146 -7.02 -30.77 9.97
CA THR A 146 -6.41 -32.09 9.87
C THR A 146 -5.77 -32.53 11.18
N ALA A 147 -5.11 -31.61 11.88
CA ALA A 147 -4.44 -32.00 13.13
C ALA A 147 -5.44 -32.21 14.28
N GLY A 148 -6.71 -31.96 14.03
CA GLY A 148 -7.75 -32.26 15.01
C GLY A 148 -8.27 -31.10 15.83
N ALA A 149 -7.98 -29.87 15.43
CA ALA A 149 -8.53 -28.72 16.16
C ALA A 149 -9.97 -28.47 15.75
N ARG A 150 -10.77 -27.87 16.63
CA ARG A 150 -12.14 -27.51 16.29
C ARG A 150 -12.27 -26.07 15.90
N LEU A 151 -11.38 -25.25 16.45
CA LEU A 151 -11.55 -23.82 16.32
C LEU A 151 -10.24 -23.08 16.13
N VAL A 152 -10.18 -22.27 15.08
CA VAL A 152 -9.09 -21.33 14.92
C VAL A 152 -9.64 -19.93 15.09
N VAL A 153 -8.98 -19.13 15.92
CA VAL A 153 -9.38 -17.75 16.14
C VAL A 153 -8.35 -16.74 15.63
N LEU A 154 -8.73 -15.95 14.63
CA LEU A 154 -7.87 -14.88 14.12
C LEU A 154 -8.15 -13.58 14.90
N ALA A 155 -7.29 -13.27 15.85
CA ALA A 155 -7.58 -12.22 16.82
C ALA A 155 -6.73 -10.98 16.62
N THR A 156 -7.38 -9.83 16.60
CA THR A 156 -6.69 -8.55 16.59
C THR A 156 -7.60 -7.42 17.05
N ALA A 157 -6.98 -6.36 17.56
CA ALA A 157 -7.68 -5.12 17.85
C ALA A 157 -7.90 -4.29 16.59
N THR A 158 -7.15 -4.60 15.53
CA THR A 158 -7.07 -3.74 14.36
C THR A 158 -7.08 -4.53 13.07
N PRO A 159 -8.26 -5.03 12.69
CA PRO A 159 -8.44 -5.78 11.43
C PRO A 159 -8.11 -4.92 10.21
N PRO A 160 -7.93 -5.54 9.04
CA PRO A 160 -7.61 -4.77 7.82
C PRO A 160 -8.64 -3.66 7.55
N GLY A 161 -8.18 -2.48 7.15
CA GLY A 161 -9.07 -1.36 6.94
C GLY A 161 -9.27 -0.43 8.13
N SER A 162 -8.75 -0.83 9.29
CA SER A 162 -8.92 -0.08 10.52
C SER A 162 -8.28 1.30 10.46
N VAL A 163 -8.96 2.29 11.03
CA VAL A 163 -8.38 3.61 11.25
C VAL A 163 -8.32 3.91 12.74
N THR A 164 -7.32 4.67 13.16
CA THR A 164 -7.20 4.98 14.57
C THR A 164 -8.42 5.76 14.99
N VAL A 165 -8.89 5.50 16.21
CA VAL A 165 -10.06 6.16 16.71
C VAL A 165 -9.66 7.10 17.82
N SER A 166 -10.41 8.18 17.99
CA SER A 166 -10.11 9.17 19.01
C SER A 166 -9.95 8.50 20.38
N HIS A 167 -9.13 9.10 21.22
CA HIS A 167 -8.93 8.56 22.54
C HIS A 167 -9.47 9.52 23.60
N PRO A 168 -10.24 8.99 24.57
CA PRO A 168 -10.85 9.74 25.67
C PRO A 168 -9.84 10.51 26.55
N ASN A 169 -8.66 9.93 26.79
CA ASN A 169 -7.63 10.56 27.62
C ASN A 169 -6.62 11.39 26.85
N ILE A 170 -6.67 11.29 25.53
CA ILE A 170 -5.60 11.86 24.72
C ILE A 170 -6.15 12.95 23.80
N GLU A 171 -5.91 14.20 24.16
CA GLU A 171 -6.27 15.30 23.30
C GLU A 171 -5.17 15.41 22.23
N GLU A 172 -5.58 15.55 20.97
CA GLU A 172 -4.61 15.56 19.88
C GLU A 172 -4.50 16.96 19.29
N VAL A 173 -3.27 17.44 19.11
CA VAL A 173 -3.10 18.77 18.57
C VAL A 173 -2.08 18.80 17.44
N ALA A 174 -2.55 19.31 16.30
CA ALA A 174 -1.72 19.50 15.14
C ALA A 174 -0.52 20.39 15.44
N LEU A 175 0.67 19.95 15.04
CA LEU A 175 1.80 20.85 14.99
C LEU A 175 1.52 21.88 13.92
N SER A 176 1.88 23.13 14.21
CA SER A 176 1.93 24.15 13.18
C SER A 176 3.37 24.28 12.71
N THR A 177 3.61 25.21 11.81
CA THR A 177 4.96 25.48 11.32
C THR A 177 5.70 26.42 12.26
N THR A 178 4.96 26.94 13.24
CA THR A 178 5.44 27.95 14.19
C THR A 178 5.96 27.33 15.48
N GLY A 179 7.28 27.39 15.64
CA GLY A 179 7.93 26.77 16.77
C GLY A 179 9.40 26.79 16.50
N GLU A 180 10.20 26.80 17.57
CA GLU A 180 11.64 26.94 17.42
C GLU A 180 12.36 25.76 16.76
N ILE A 181 11.74 24.58 16.70
CA ILE A 181 12.43 23.38 16.21
C ILE A 181 12.04 22.93 14.80
N PRO A 182 13.02 22.36 14.08
CA PRO A 182 12.71 21.78 12.79
C PRO A 182 12.20 20.36 12.99
N PHE A 183 10.94 20.10 12.68
CA PHE A 183 10.40 18.74 12.80
C PHE A 183 9.58 18.34 11.57
N TYR A 184 10.26 17.80 10.57
CA TYR A 184 9.57 17.20 9.42
C TYR A 184 8.71 18.21 8.66
N GLY A 185 9.26 19.41 8.43
CA GLY A 185 8.57 20.44 7.69
C GLY A 185 7.64 21.23 8.59
N LYS A 186 7.67 20.90 9.86
CA LYS A 186 6.86 21.61 10.81
C LYS A 186 7.70 21.91 12.02
N ALA A 187 7.03 22.24 13.12
CA ALA A 187 7.73 22.71 14.31
C ALA A 187 7.02 22.48 15.62
N ILE A 188 7.85 22.33 16.65
CA ILE A 188 7.40 22.23 18.03
C ILE A 188 7.84 23.38 18.94
N PRO A 189 6.90 24.02 19.66
CA PRO A 189 7.38 24.94 20.71
C PRO A 189 7.98 24.18 21.90
N LEU A 190 9.18 24.54 22.35
CA LEU A 190 9.79 23.85 23.48
C LEU A 190 8.92 24.01 24.71
N GLU A 191 8.17 25.11 24.74
CA GLU A 191 7.11 25.37 25.72
C GLU A 191 6.27 24.12 26.01
N VAL A 192 6.14 23.29 24.98
CA VAL A 192 5.30 22.10 24.98
C VAL A 192 6.03 20.86 25.53
N ILE A 193 7.36 20.91 25.56
CA ILE A 193 8.15 19.81 26.12
C ILE A 193 9.10 20.23 27.25
N LYS A 194 8.80 21.33 27.93
CA LYS A 194 9.63 21.77 29.05
C LYS A 194 8.79 22.30 30.20
N GLY A 195 8.65 21.51 31.27
CA GLY A 195 9.21 20.18 31.34
C GLY A 195 8.09 19.16 31.37
N GLY A 196 8.37 18.00 31.95
CA GLY A 196 7.40 16.93 32.00
C GLY A 196 7.97 15.72 31.32
N ARG A 197 7.10 14.77 30.97
CA ARG A 197 7.52 13.49 30.40
C ARG A 197 7.05 13.36 28.94
N HIS A 198 8.02 13.39 28.00
CA HIS A 198 7.70 13.51 26.58
C HIS A 198 8.38 12.51 25.66
N LEU A 199 7.55 11.84 24.85
CA LEU A 199 8.01 10.88 23.85
C LEU A 199 7.86 11.39 22.42
N ILE A 200 8.98 11.37 21.69
CA ILE A 200 9.05 11.88 20.32
C ILE A 200 9.57 10.81 19.36
N PHE A 201 8.74 10.43 18.38
CA PHE A 201 9.10 9.42 17.39
C PHE A 201 9.68 10.00 16.08
N CYS A 202 10.87 9.55 15.71
CA CYS A 202 11.42 9.86 14.40
C CYS A 202 11.60 8.57 13.60
N HIS A 203 11.80 8.67 12.29
CA HIS A 203 11.74 7.49 11.44
C HIS A 203 13.04 6.70 11.36
N SER A 204 14.18 7.39 11.34
CA SER A 204 15.48 6.74 11.17
C SER A 204 16.30 6.85 12.46
N LYS A 205 17.43 6.15 12.53
CA LYS A 205 18.32 6.27 13.70
C LYS A 205 18.99 7.65 13.70
N LYS A 206 19.47 8.04 12.52
CA LYS A 206 20.20 9.28 12.32
C LYS A 206 19.36 10.43 12.86
N LYS A 207 18.29 10.77 12.14
CA LYS A 207 17.40 11.85 12.55
C LYS A 207 16.74 11.59 13.92
N CYS A 208 16.69 10.31 14.35
CA CYS A 208 16.03 10.00 15.61
C CYS A 208 16.74 10.70 16.74
N ASP A 209 18.05 10.91 16.60
CA ASP A 209 18.56 11.97 17.41
C ASP A 209 19.77 12.52 16.67
N GLU A 210 19.55 12.93 15.41
CA GLU A 210 20.22 14.13 14.90
C GLU A 210 19.04 15.12 14.84
N LEU A 211 17.96 14.69 15.51
CA LEU A 211 17.05 15.62 16.19
C LEU A 211 17.95 16.27 17.25
N ALA A 212 19.00 15.52 17.60
CA ALA A 212 20.41 15.98 17.51
C ALA A 212 21.30 15.91 18.76
N ALA A 213 22.48 16.52 18.63
CA ALA A 213 23.21 17.10 19.75
C ALA A 213 22.46 18.38 20.10
N LYS A 214 21.16 18.33 19.76
CA LYS A 214 20.11 19.33 19.86
C LYS A 214 20.29 20.29 21.01
N LEU A 215 20.37 19.68 22.19
CA LEU A 215 20.06 20.33 23.43
C LEU A 215 20.38 19.39 24.59
N ASN A 221 16.82 17.74 28.56
CA ASN A 221 17.13 16.35 28.93
C ASN A 221 16.55 15.32 27.96
N ALA A 222 17.35 14.87 27.00
CA ALA A 222 16.86 13.97 25.94
C ALA A 222 17.95 13.18 25.22
N VAL A 223 17.72 11.87 25.06
CA VAL A 223 18.57 10.99 24.22
C VAL A 223 17.68 9.89 23.57
N ALA A 224 18.20 9.23 22.53
CA ALA A 224 17.52 8.12 21.82
C ALA A 224 16.91 7.06 22.74
N SER A 232 16.40 1.64 28.24
CA SER A 232 17.85 1.59 28.06
C SER A 232 18.49 2.98 27.88
N VAL A 233 18.43 3.92 28.85
CA VAL A 233 17.77 3.84 30.16
C VAL A 233 17.21 5.26 30.52
N ILE A 234 16.14 5.33 31.35
CA ILE A 234 15.67 6.58 32.01
C ILE A 234 14.45 6.31 32.93
N PRO A 235 14.55 6.66 34.23
CA PRO A 235 13.47 6.42 35.21
C PRO A 235 12.16 7.11 34.87
N ASP A 239 11.04 14.46 34.91
CA ASP A 239 11.10 15.37 33.77
C ASP A 239 12.08 14.92 32.70
N VAL A 240 11.56 14.67 31.49
CA VAL A 240 12.36 14.04 30.44
C VAL A 240 11.69 14.10 29.06
N VAL A 241 12.50 14.25 28.02
CA VAL A 241 12.04 14.05 26.65
C VAL A 241 12.77 12.86 26.02
N VAL A 242 12.01 11.87 25.55
CA VAL A 242 12.60 10.70 24.91
C VAL A 242 12.40 10.75 23.41
N VAL A 243 13.49 10.75 22.66
CA VAL A 243 13.40 10.80 21.21
C VAL A 243 13.79 9.47 20.59
N SER A 244 12.76 8.68 20.27
CA SER A 244 12.89 7.25 19.99
C SER A 244 12.35 6.79 18.63
N THR A 245 12.93 5.71 18.11
CA THR A 245 12.35 5.05 16.95
C THR A 245 11.25 4.11 17.42
N ASP A 246 10.79 3.24 16.52
CA ASP A 246 9.75 2.28 16.88
C ASP A 246 10.31 1.19 17.79
N ALA A 247 11.65 1.08 17.83
CA ALA A 247 12.36 0.10 18.66
C ALA A 247 11.91 0.07 20.12
N LEU A 248 11.48 1.22 20.63
CA LEU A 248 10.90 1.26 21.96
C LEU A 248 9.62 0.43 21.97
N MET A 249 9.65 -0.71 22.64
CA MET A 249 8.50 -1.61 22.63
C MET A 249 7.41 -1.12 23.58
N THR A 250 6.15 -1.21 23.13
CA THR A 250 5.00 -0.67 23.85
C THR A 250 4.79 -1.36 25.21
N GLY A 251 4.41 -0.57 26.21
CA GLY A 251 4.31 -1.04 27.57
C GLY A 251 5.66 -1.04 28.27
N GLY A 254 7.56 3.19 30.34
CA GLY A 254 7.84 4.55 30.78
C GLY A 254 6.58 5.39 30.94
N ASP A 255 6.67 6.43 31.79
CA ASP A 255 5.60 7.41 32.02
C ASP A 255 5.72 8.51 30.98
N PHE A 256 4.60 9.04 30.47
CA PHE A 256 4.64 10.09 29.44
C PHE A 256 3.42 11.00 29.45
N ASP A 257 3.64 12.29 29.35
CA ASP A 257 2.53 13.24 29.38
C ASP A 257 2.05 13.54 27.97
N SER A 258 2.98 13.53 27.03
CA SER A 258 2.64 13.77 25.63
C SER A 258 3.49 12.93 24.70
N VAL A 259 2.91 12.61 23.54
CA VAL A 259 3.63 11.98 22.45
C VAL A 259 3.69 12.91 21.25
N ILE A 260 4.88 13.05 20.69
CA ILE A 260 5.04 13.78 19.45
C ILE A 260 5.50 12.83 18.36
N ASP A 261 4.87 12.96 17.19
CA ASP A 261 4.90 11.91 16.17
C ASP A 261 5.20 12.43 14.76
N CYS A 262 6.30 11.99 14.16
CA CYS A 262 6.60 12.34 12.78
C CYS A 262 5.62 11.74 11.75
N ASN A 263 4.95 10.67 12.14
CA ASN A 263 3.87 10.00 11.36
C ASN A 263 4.35 9.26 10.11
N THR A 264 5.66 9.07 10.01
CA THR A 264 6.22 8.26 8.95
C THR A 264 6.99 7.13 9.58
N CYS A 265 7.32 6.12 8.78
CA CYS A 265 8.18 5.04 9.23
C CYS A 265 8.91 4.41 8.05
N VAL A 266 9.99 3.72 8.34
CA VAL A 266 10.75 3.02 7.31
C VAL A 266 10.21 1.61 7.16
N THR A 267 10.04 1.16 5.91
CA THR A 267 9.57 -0.20 5.61
C THR A 267 10.39 -0.86 4.53
N GLN A 268 10.55 -2.18 4.63
CA GLN A 268 11.21 -2.96 3.58
C GLN A 268 10.30 -3.15 2.38
N THR A 269 10.85 -3.08 1.17
CA THR A 269 10.08 -3.30 -0.04
C THR A 269 10.94 -4.03 -1.06
N VAL A 270 10.30 -4.72 -1.99
CA VAL A 270 11.09 -5.29 -3.05
C VAL A 270 10.87 -4.46 -4.30
N ASP A 271 11.98 -4.21 -5.00
CA ASP A 271 11.94 -3.56 -6.29
C ASP A 271 12.39 -4.53 -7.35
N PHE A 272 11.56 -4.70 -8.38
CA PHE A 272 11.96 -5.51 -9.52
C PHE A 272 12.76 -4.65 -10.48
N SER A 273 14.00 -4.37 -10.11
CA SER A 273 14.79 -3.38 -10.80
C SER A 273 15.47 -3.88 -12.08
N LEU A 274 15.35 -5.18 -12.35
CA LEU A 274 15.88 -5.76 -13.58
C LEU A 274 17.33 -5.39 -13.81
N ASP A 275 18.10 -5.35 -12.73
CA ASP A 275 19.48 -4.86 -12.76
C ASP A 275 20.46 -5.76 -11.99
N PRO A 276 20.41 -7.08 -12.21
CA PRO A 276 19.72 -7.85 -13.25
C PRO A 276 18.32 -8.35 -12.87
N THR A 277 17.99 -8.41 -11.59
CA THR A 277 16.75 -9.09 -11.22
C THR A 277 15.84 -8.28 -10.30
N PHE A 278 16.06 -8.35 -8.99
CA PHE A 278 15.27 -7.57 -8.05
C PHE A 278 16.15 -7.03 -6.96
N THR A 279 15.58 -6.13 -6.15
CA THR A 279 16.33 -5.47 -5.09
C THR A 279 15.52 -5.42 -3.81
N ILE A 280 16.15 -5.72 -2.69
CA ILE A 280 15.48 -5.51 -1.42
C ILE A 280 15.98 -4.17 -0.88
N GLU A 281 15.05 -3.28 -0.56
CA GLU A 281 15.44 -1.93 -0.20
C GLU A 281 14.51 -1.39 0.87
N THR A 282 14.74 -0.14 1.29
CA THR A 282 13.85 0.54 2.21
C THR A 282 13.15 1.71 1.53
N THR A 283 11.99 2.04 2.07
CA THR A 283 11.22 3.23 1.67
C THR A 283 10.69 3.90 2.92
N THR A 284 10.52 5.21 2.88
CA THR A 284 9.81 5.89 3.94
C THR A 284 8.39 6.11 3.44
N LEU A 285 7.41 5.79 4.28
CA LEU A 285 6.00 5.85 3.91
C LEU A 285 5.22 6.50 5.03
N PRO A 286 4.02 7.02 4.71
CA PRO A 286 3.20 7.47 5.84
C PRO A 286 2.95 6.29 6.76
N GLN A 287 2.84 6.55 8.06
CA GLN A 287 2.58 5.48 9.00
C GLN A 287 1.20 4.91 8.71
N ASP A 288 0.92 3.74 9.25
CA ASP A 288 -0.41 3.20 9.13
C ASP A 288 -1.08 3.25 10.50
N ALA A 289 -2.30 2.74 10.55
CA ALA A 289 -3.17 2.91 11.71
C ALA A 289 -2.62 2.20 12.94
N VAL A 290 -2.00 1.05 12.75
CA VAL A 290 -1.55 0.34 13.93
C VAL A 290 -0.32 1.09 14.41
N SER A 291 0.50 1.61 13.51
CA SER A 291 1.60 2.51 13.91
C SER A 291 1.11 3.73 14.71
N ARG A 292 0.18 4.49 14.14
CA ARG A 292 -0.28 5.73 14.78
C ARG A 292 -0.92 5.47 16.14
N THR A 293 -1.84 4.50 16.19
CA THR A 293 -2.50 4.12 17.44
C THR A 293 -1.50 3.75 18.54
N GLN A 294 -0.49 2.98 18.15
CA GLN A 294 0.48 2.46 19.08
C GLN A 294 1.47 3.53 19.56
N ARG A 295 1.91 4.39 18.65
CA ARG A 295 2.77 5.50 19.05
C ARG A 295 2.00 6.46 19.95
N ARG A 296 0.78 6.79 19.55
CA ARG A 296 -0.04 7.69 20.33
C ARG A 296 -0.33 7.09 21.69
N GLY A 297 -0.45 5.76 21.73
CA GLY A 297 -0.87 5.05 22.92
C GLY A 297 0.13 5.05 24.06
N ARG A 298 1.34 5.54 23.81
CA ARG A 298 2.33 5.63 24.88
C ARG A 298 1.99 6.74 25.87
N THR A 299 1.02 7.59 25.54
CA THR A 299 0.59 8.64 26.45
C THR A 299 -0.86 8.45 26.78
N GLY A 300 -1.31 9.06 27.87
CA GLY A 300 -2.70 8.98 28.25
C GLY A 300 -3.01 7.65 28.91
N ARG A 301 -1.97 7.02 29.46
CA ARG A 301 -2.08 5.71 30.10
C ARG A 301 -2.79 5.75 31.45
N GLY A 302 -4.09 6.04 31.46
CA GLY A 302 -4.87 6.14 32.68
C GLY A 302 -4.93 7.58 33.20
N LYS A 303 -3.84 8.30 33.00
CA LYS A 303 -3.83 9.74 33.25
C LYS A 303 -3.82 10.50 31.94
N PRO A 304 -4.57 11.60 31.87
CA PRO A 304 -4.72 12.39 30.63
C PRO A 304 -3.39 12.74 29.95
N GLY A 305 -3.37 12.63 28.61
CA GLY A 305 -2.20 12.95 27.81
C GLY A 305 -2.51 13.74 26.54
N ILE A 306 -1.49 14.31 25.91
CA ILE A 306 -1.67 15.10 24.69
C ILE A 306 -0.83 14.54 23.53
N TYR A 307 -1.43 14.48 22.33
CA TYR A 307 -0.75 13.91 21.16
C TYR A 307 -0.49 14.97 20.09
N ARG A 308 0.74 15.02 19.62
CA ARG A 308 1.10 16.01 18.63
C ARG A 308 1.69 15.38 17.37
N PHE A 309 1.06 15.70 16.23
CA PHE A 309 1.44 15.10 14.96
C PHE A 309 1.90 16.07 13.89
N VAL A 310 2.82 15.59 13.06
CA VAL A 310 3.19 16.29 11.84
C VAL A 310 2.08 16.21 10.78
N ALA A 311 1.41 15.07 10.67
CA ALA A 311 0.37 14.87 9.65
C ALA A 311 -0.92 14.26 10.21
N PRO A 312 -2.09 14.78 9.80
CA PRO A 312 -3.36 14.34 10.39
C PRO A 312 -3.75 12.95 9.94
N GLY A 313 -3.20 12.51 8.82
CA GLY A 313 -3.61 11.26 8.21
C GLY A 313 -2.67 10.07 8.26
N GLU A 314 -3.16 8.96 7.76
CA GLU A 314 -2.49 7.69 7.89
C GLU A 314 -2.95 6.70 6.84
N ARG A 315 -2.08 5.79 6.42
CA ARG A 315 -2.55 4.67 5.63
C ARG A 315 -3.41 3.80 6.51
N PRO A 316 -4.59 3.40 6.03
CA PRO A 316 -5.33 2.38 6.79
C PRO A 316 -4.52 1.09 6.80
N SER A 317 -4.71 0.23 7.79
CA SER A 317 -3.94 -1.01 7.90
C SER A 317 -4.47 -2.16 6.99
N GLY A 318 -3.64 -3.16 6.71
CA GLY A 318 -4.08 -4.33 5.97
C GLY A 318 -3.40 -4.59 4.63
N MET A 319 -2.22 -4.01 4.43
CA MET A 319 -1.41 -4.27 3.25
C MET A 319 -0.01 -4.68 3.70
N PHE A 320 0.65 -5.55 2.95
CA PHE A 320 2.08 -5.76 3.17
C PHE A 320 2.81 -6.02 1.84
N ASP A 321 4.14 -5.98 1.90
CA ASP A 321 4.97 -6.01 0.71
C ASP A 321 5.37 -7.43 0.28
N SER A 322 5.55 -7.63 -1.02
CA SER A 322 6.00 -8.91 -1.59
C SER A 322 7.31 -9.42 -0.98
N SER A 323 8.16 -8.49 -0.57
CA SER A 323 9.41 -8.86 0.09
C SER A 323 9.15 -9.66 1.38
N VAL A 324 7.99 -9.47 1.99
CA VAL A 324 7.67 -10.31 3.14
C VAL A 324 7.45 -11.77 2.68
N LEU A 325 6.86 -11.94 1.50
CA LEU A 325 6.70 -13.27 0.92
C LEU A 325 8.09 -13.85 0.71
N CYS A 326 8.96 -13.10 0.06
CA CYS A 326 10.32 -13.55 -0.18
C CYS A 326 10.95 -14.02 1.13
N GLU A 327 10.72 -13.27 2.19
CA GLU A 327 11.28 -13.62 3.48
C GLU A 327 10.72 -14.94 4.03
N CYS A 328 9.45 -15.19 3.75
CA CYS A 328 8.81 -16.43 4.19
C CYS A 328 9.48 -17.65 3.55
N TYR A 329 9.75 -17.55 2.25
CA TYR A 329 10.42 -18.63 1.54
C TYR A 329 11.82 -18.81 2.07
N ASP A 330 12.48 -17.66 2.28
CA ASP A 330 13.80 -17.65 2.87
C ASP A 330 13.81 -18.39 4.18
N ALA A 331 12.86 -18.09 5.06
CA ALA A 331 12.91 -18.69 6.39
C ALA A 331 12.60 -20.18 6.32
N GLY A 332 11.73 -20.54 5.38
CA GLY A 332 11.35 -21.92 5.23
C GLY A 332 12.55 -22.73 4.78
N CYS A 333 13.38 -22.15 3.92
CA CYS A 333 14.55 -22.88 3.47
C CYS A 333 15.59 -22.87 4.58
N ALA A 334 15.73 -21.75 5.27
CA ALA A 334 16.83 -21.61 6.22
C ALA A 334 16.56 -22.22 7.60
N TRP A 335 15.33 -22.10 8.08
CA TRP A 335 15.02 -22.45 9.47
C TRP A 335 14.13 -23.67 9.61
N TYR A 336 13.29 -23.93 8.62
CA TYR A 336 12.19 -24.85 8.85
C TYR A 336 12.19 -26.02 7.91
N GLU A 337 13.26 -26.14 7.11
CA GLU A 337 13.43 -27.23 6.17
C GLU A 337 12.17 -27.47 5.32
N LEU A 338 11.57 -26.38 4.86
CA LEU A 338 10.45 -26.49 3.94
C LEU A 338 10.88 -26.32 2.50
N MET A 339 10.55 -27.28 1.66
CA MET A 339 10.67 -27.05 0.23
C MET A 339 9.78 -25.86 -0.13
N PRO A 340 10.22 -25.07 -1.10
CA PRO A 340 9.44 -23.91 -1.54
C PRO A 340 7.97 -24.23 -1.82
N ALA A 341 7.71 -25.45 -2.28
CA ALA A 341 6.36 -25.85 -2.67
C ALA A 341 5.50 -26.07 -1.44
N GLU A 342 6.11 -26.43 -0.32
CA GLU A 342 5.38 -26.61 0.92
C GLU A 342 5.04 -25.26 1.52
N THR A 343 6.03 -24.37 1.54
CA THR A 343 5.81 -22.99 1.93
C THR A 343 4.64 -22.39 1.12
N THR A 344 4.60 -22.65 -0.18
CA THR A 344 3.51 -22.14 -0.99
C THR A 344 2.15 -22.59 -0.52
N VAL A 345 2.04 -23.86 -0.15
CA VAL A 345 0.76 -24.41 0.29
C VAL A 345 0.26 -23.63 1.50
N ARG A 346 1.20 -23.28 2.37
CA ARG A 346 0.86 -22.57 3.61
C ARG A 346 0.47 -21.13 3.34
N LEU A 347 1.32 -20.42 2.60
CA LEU A 347 1.01 -19.06 2.24
C LEU A 347 -0.29 -18.96 1.40
N ARG A 348 -0.56 -19.96 0.55
CA ARG A 348 -1.79 -19.96 -0.24
C ARG A 348 -3.04 -20.00 0.67
N ALA A 349 -2.97 -20.81 1.71
CA ALA A 349 -4.03 -20.86 2.70
C ALA A 349 -4.19 -19.51 3.41
N TYR A 350 -3.07 -18.86 3.72
CA TYR A 350 -3.15 -17.52 4.31
C TYR A 350 -3.94 -16.66 3.34
N MET A 351 -3.51 -16.67 2.09
CA MET A 351 -4.13 -15.81 1.07
C MET A 351 -5.55 -16.16 0.68
N ASN A 352 -5.95 -17.42 0.83
CA ASN A 352 -7.33 -17.76 0.47
C ASN A 352 -8.29 -17.46 1.60
N THR A 353 -7.77 -16.99 2.73
CA THR A 353 -8.60 -16.74 3.89
C THR A 353 -8.98 -15.26 4.00
N PRO A 354 -10.28 -14.98 4.09
CA PRO A 354 -10.77 -13.59 4.17
C PRO A 354 -10.38 -12.92 5.48
N GLY A 355 -10.27 -11.60 5.48
CA GLY A 355 -10.14 -10.84 6.70
C GLY A 355 -8.72 -10.69 7.18
N LEU A 356 -7.77 -11.06 6.33
CA LEU A 356 -6.35 -10.93 6.66
C LEU A 356 -5.73 -9.89 5.75
N PRO A 357 -4.60 -9.30 6.19
CA PRO A 357 -3.82 -8.38 5.34
C PRO A 357 -3.62 -8.96 3.94
N VAL A 358 -3.66 -8.12 2.91
CA VAL A 358 -3.50 -8.62 1.56
C VAL A 358 -2.17 -8.18 0.99
N CYS A 359 -1.79 -8.79 -0.13
N CYS A 359 -1.79 -8.76 -0.14
CA CYS A 359 -0.50 -8.54 -0.73
CA CYS A 359 -0.58 -8.34 -0.81
C CYS A 359 -0.53 -8.96 -2.20
C CYS A 359 -0.57 -8.88 -2.22
N GLN A 360 0.49 -8.56 -2.96
CA GLN A 360 0.59 -8.98 -4.34
C GLN A 360 0.77 -10.49 -4.35
N ASP A 361 0.04 -11.14 -5.23
CA ASP A 361 0.13 -12.60 -5.35
C ASP A 361 1.43 -12.97 -6.07
N HIS A 362 2.50 -13.15 -5.31
CA HIS A 362 3.81 -13.45 -5.89
C HIS A 362 4.35 -14.81 -5.43
N LEU A 363 3.43 -15.69 -5.05
CA LEU A 363 3.79 -16.97 -4.50
C LEU A 363 4.54 -17.77 -5.54
N GLU A 364 3.96 -17.86 -6.75
CA GLU A 364 4.58 -18.57 -7.87
C GLU A 364 6.00 -18.08 -8.11
N PHE A 365 6.17 -16.76 -8.24
CA PHE A 365 7.49 -16.16 -8.47
C PHE A 365 8.52 -16.52 -7.40
N TRP A 366 8.21 -16.26 -6.13
CA TRP A 366 9.21 -16.49 -5.08
C TRP A 366 9.46 -17.97 -4.90
N GLU A 367 8.42 -18.78 -5.05
CA GLU A 367 8.61 -20.23 -5.00
C GLU A 367 9.60 -20.67 -6.09
N GLY A 368 9.43 -20.14 -7.30
CA GLY A 368 10.30 -20.48 -8.40
C GLY A 368 11.74 -20.04 -8.13
N VAL A 369 11.89 -18.85 -7.57
CA VAL A 369 13.22 -18.33 -7.28
C VAL A 369 13.94 -19.26 -6.35
N PHE A 370 13.32 -19.57 -5.22
CA PHE A 370 14.02 -20.34 -4.23
C PHE A 370 14.25 -21.78 -4.71
N THR A 371 13.30 -22.36 -5.41
CA THR A 371 13.44 -23.71 -5.94
C THR A 371 14.72 -23.85 -6.80
N GLY A 372 15.21 -22.75 -7.34
CA GLY A 372 16.36 -22.80 -8.22
C GLY A 372 17.68 -22.70 -7.48
N LEU A 373 17.61 -22.33 -6.21
CA LEU A 373 18.81 -22.08 -5.42
C LEU A 373 19.30 -23.36 -4.76
N THR A 374 19.86 -24.27 -5.55
CA THR A 374 20.33 -25.56 -5.03
C THR A 374 21.76 -25.56 -4.53
N HIS A 375 22.06 -26.55 -3.70
CA HIS A 375 23.41 -26.77 -3.19
C HIS A 375 23.99 -25.57 -2.48
N ILE A 376 23.20 -24.95 -1.61
CA ILE A 376 23.74 -23.87 -0.81
C ILE A 376 24.84 -24.45 0.07
N ASP A 377 25.92 -23.70 0.25
CA ASP A 377 26.94 -24.04 1.23
C ASP A 377 26.32 -24.07 2.61
N ALA A 378 26.29 -25.25 3.23
CA ALA A 378 25.68 -25.41 4.53
C ALA A 378 26.36 -24.58 5.62
N HIS A 379 27.68 -24.48 5.59
CA HIS A 379 28.38 -23.74 6.63
C HIS A 379 28.08 -22.24 6.53
N PHE A 380 27.99 -21.72 5.31
CA PHE A 380 27.65 -20.31 5.11
C PHE A 380 26.25 -20.01 5.65
N LEU A 381 25.32 -20.91 5.38
CA LEU A 381 23.95 -20.73 5.83
C LEU A 381 23.90 -20.70 7.37
N SER A 382 24.65 -21.60 7.98
CA SER A 382 24.79 -21.65 9.42
C SER A 382 25.21 -20.29 9.97
N GLN A 383 26.17 -19.64 9.33
CA GLN A 383 26.66 -18.36 9.82
C GLN A 383 25.67 -17.24 9.64
N THR A 384 25.04 -17.16 8.47
CA THR A 384 24.08 -16.09 8.20
C THR A 384 22.90 -16.20 9.18
N LYS A 385 22.42 -17.41 9.43
CA LYS A 385 21.43 -17.61 10.51
C LYS A 385 21.93 -17.10 11.86
N GLN A 386 23.07 -17.64 12.29
CA GLN A 386 23.77 -17.17 13.48
C GLN A 386 23.86 -15.64 13.49
N SER A 387 24.22 -15.09 12.34
CA SER A 387 24.44 -13.64 12.18
C SER A 387 23.19 -12.83 12.46
N GLY A 388 22.03 -13.36 12.09
CA GLY A 388 20.80 -12.60 12.18
C GLY A 388 20.66 -11.63 11.02
N GLU A 389 21.25 -11.98 9.87
CA GLU A 389 20.98 -11.25 8.63
C GLU A 389 19.51 -11.41 8.24
N ASN A 390 18.94 -10.42 7.56
CA ASN A 390 17.53 -10.45 7.21
C ASN A 390 17.08 -11.59 6.30
N PHE A 391 17.92 -11.95 5.35
CA PHE A 391 17.58 -13.03 4.43
C PHE A 391 18.72 -14.02 4.44
N PRO A 392 18.82 -14.81 5.52
CA PRO A 392 20.02 -15.64 5.63
C PRO A 392 20.14 -16.57 4.44
N TYR A 393 19.05 -17.10 3.91
CA TYR A 393 19.21 -18.01 2.77
C TYR A 393 19.77 -17.26 1.56
N LEU A 394 19.18 -16.13 1.21
CA LEU A 394 19.67 -15.32 0.10
C LEU A 394 21.12 -14.81 0.33
N VAL A 395 21.47 -14.42 1.55
CA VAL A 395 22.84 -13.95 1.80
C VAL A 395 23.83 -15.09 1.59
N ALA A 396 23.57 -16.22 2.25
CA ALA A 396 24.43 -17.39 2.16
C ALA A 396 24.54 -17.92 0.73
N TYR A 397 23.46 -17.84 -0.03
CA TYR A 397 23.50 -18.41 -1.38
C TYR A 397 24.33 -17.55 -2.31
N GLN A 398 24.16 -16.23 -2.23
CA GLN A 398 25.02 -15.36 -3.05
C GLN A 398 26.48 -15.60 -2.67
N ALA A 399 26.76 -15.69 -1.36
CA ALA A 399 28.07 -16.11 -0.87
C ALA A 399 28.53 -17.46 -1.43
N THR A 400 27.60 -18.41 -1.51
CA THR A 400 27.92 -19.69 -2.10
C THR A 400 28.33 -19.58 -3.58
N VAL A 401 27.62 -18.82 -4.41
CA VAL A 401 28.04 -18.79 -5.80
C VAL A 401 29.30 -17.95 -5.96
N CYS A 402 29.52 -16.99 -5.07
CA CYS A 402 30.76 -16.21 -5.08
C CYS A 402 31.92 -17.16 -4.83
N ALA A 403 31.79 -17.95 -3.76
CA ALA A 403 32.87 -18.83 -3.33
C ALA A 403 33.26 -19.86 -4.41
N ARG A 404 32.27 -20.40 -5.12
CA ARG A 404 32.54 -21.39 -6.14
C ARG A 404 33.14 -20.76 -7.39
N ALA A 405 32.85 -19.49 -7.60
CA ALA A 405 33.35 -18.78 -8.77
C ALA A 405 34.65 -18.05 -8.42
N GLN A 406 35.13 -18.22 -7.19
CA GLN A 406 36.29 -17.49 -6.68
C GLN A 406 36.12 -15.98 -6.89
N ALA A 407 34.87 -15.52 -6.87
CA ALA A 407 34.55 -14.11 -7.05
C ALA A 407 34.25 -13.48 -5.69
N PRO A 408 34.32 -12.15 -5.58
CA PRO A 408 34.06 -11.51 -4.28
C PRO A 408 32.61 -11.06 -4.11
N PRO A 409 32.16 -10.90 -2.85
CA PRO A 409 30.79 -10.43 -2.53
C PRO A 409 30.55 -9.08 -3.15
N PRO A 410 29.29 -8.72 -3.34
CA PRO A 410 28.84 -7.42 -3.86
C PRO A 410 29.45 -6.22 -3.13
N SER A 411 29.87 -6.44 -1.90
CA SER A 411 30.39 -5.37 -1.07
C SER A 411 31.17 -6.03 0.05
N TRP A 412 31.61 -5.25 1.02
CA TRP A 412 32.28 -5.86 2.16
C TRP A 412 31.58 -5.48 3.45
N ASP A 413 30.33 -5.07 3.32
CA ASP A 413 29.36 -4.97 4.42
C ASP A 413 29.40 -6.23 5.31
N GLN A 414 29.15 -6.03 6.60
CA GLN A 414 29.12 -7.11 7.60
C GLN A 414 28.41 -8.36 7.10
N MET A 415 27.28 -8.15 6.43
CA MET A 415 26.48 -9.17 5.77
C MET A 415 27.28 -10.33 5.11
N TRP A 416 28.45 -10.02 4.58
CA TRP A 416 29.22 -11.00 3.85
C TRP A 416 30.38 -11.58 4.64
N LYS A 417 30.37 -11.36 5.95
CA LYS A 417 31.44 -11.82 6.83
C LYS A 417 31.80 -13.31 6.64
N CYS A 418 30.85 -14.12 6.19
CA CYS A 418 31.12 -15.56 6.03
C CYS A 418 32.19 -15.85 4.97
N LEU A 419 32.45 -14.87 4.10
CA LEU A 419 33.51 -15.01 3.12
C LEU A 419 34.79 -14.27 3.52
N ILE A 420 35.28 -14.47 4.74
CA ILE A 420 36.60 -13.92 5.08
C ILE A 420 37.67 -14.91 4.63
N ARG A 421 37.89 -14.85 3.32
CA ARG A 421 38.72 -15.75 2.54
C ARG A 421 39.14 -14.94 1.33
N LEU A 422 39.71 -13.76 1.56
CA LEU A 422 39.61 -12.72 0.54
C LEU A 422 40.45 -12.95 -0.72
N LYS A 423 41.76 -13.09 -0.56
CA LYS A 423 42.65 -13.15 -1.72
C LYS A 423 42.21 -14.26 -2.71
N PRO A 424 41.90 -15.47 -2.22
CA PRO A 424 41.54 -16.39 -3.29
C PRO A 424 40.26 -15.98 -4.06
N THR A 425 39.43 -15.12 -3.46
CA THR A 425 38.19 -14.76 -4.13
C THR A 425 38.23 -13.36 -4.69
N LEU A 426 39.22 -12.56 -4.32
CA LEU A 426 39.17 -11.16 -4.70
C LEU A 426 39.14 -11.00 -6.23
N HIS A 427 39.15 -12.10 -6.96
CA HIS A 427 39.31 -11.97 -8.40
C HIS A 427 38.00 -11.61 -9.05
N GLY A 428 38.00 -10.42 -9.62
CA GLY A 428 37.09 -10.09 -10.71
C GLY A 428 35.70 -9.75 -10.27
N PRO A 429 34.78 -9.72 -11.23
CA PRO A 429 33.42 -9.27 -11.00
C PRO A 429 32.68 -10.17 -9.99
N THR A 430 31.62 -9.64 -9.40
CA THR A 430 30.72 -10.44 -8.61
C THR A 430 29.64 -10.98 -9.55
N PRO A 431 29.33 -12.28 -9.43
CA PRO A 431 28.17 -12.77 -10.16
C PRO A 431 26.94 -12.43 -9.34
N LEU A 432 26.26 -11.33 -9.71
CA LEU A 432 25.12 -10.79 -8.95
C LEU A 432 23.86 -11.57 -9.22
N LEU A 433 23.28 -12.14 -8.17
CA LEU A 433 22.03 -12.88 -8.27
C LEU A 433 20.84 -11.95 -8.10
N TYR A 434 21.05 -10.99 -7.20
CA TYR A 434 19.99 -10.20 -6.60
C TYR A 434 20.68 -9.09 -5.77
N ARG A 435 20.05 -7.92 -5.55
CA ARG A 435 20.66 -6.86 -4.73
C ARG A 435 20.03 -6.81 -3.35
N LEU A 436 20.81 -7.15 -2.33
CA LEU A 436 20.35 -7.18 -0.94
C LEU A 436 20.85 -5.96 -0.18
N GLY A 437 21.67 -5.15 -0.84
CA GLY A 437 22.29 -3.99 -0.24
C GLY A 437 22.93 -3.17 -1.33
N ALA A 438 23.78 -2.22 -0.93
CA ALA A 438 24.57 -1.43 -1.88
C ALA A 438 25.54 -2.36 -2.53
N VAL A 439 25.72 -2.24 -3.83
CA VAL A 439 26.76 -3.00 -4.50
C VAL A 439 27.97 -2.15 -4.83
N GLN A 440 29.10 -2.51 -4.22
CA GLN A 440 30.36 -1.79 -4.43
C GLN A 440 31.29 -2.36 -5.47
N ASN A 441 31.26 -3.68 -5.66
CA ASN A 441 32.18 -4.31 -6.60
C ASN A 441 31.66 -4.20 -8.03
N GLU A 442 32.55 -4.48 -8.96
CA GLU A 442 32.09 -4.68 -10.33
C GLU A 442 31.29 -5.98 -10.37
N VAL A 443 30.33 -6.05 -11.28
CA VAL A 443 29.50 -7.22 -11.36
C VAL A 443 29.46 -7.78 -12.77
N THR A 444 29.22 -9.08 -12.86
CA THR A 444 28.76 -9.70 -14.08
C THR A 444 27.32 -10.18 -13.89
N LEU A 445 26.59 -10.29 -14.98
CA LEU A 445 25.15 -10.59 -14.93
C LEU A 445 24.72 -11.89 -15.65
N THR A 446 25.66 -12.76 -15.97
CA THR A 446 25.38 -13.89 -16.86
C THR A 446 25.43 -15.27 -16.22
N HIS A 447 25.65 -15.34 -14.92
CA HIS A 447 25.58 -16.60 -14.18
C HIS A 447 24.23 -17.29 -14.42
N PRO A 448 24.26 -18.62 -14.57
CA PRO A 448 23.03 -19.36 -14.89
C PRO A 448 21.89 -19.06 -13.90
N ILE A 449 22.22 -18.94 -12.62
CA ILE A 449 21.20 -18.62 -11.62
C ILE A 449 20.64 -17.19 -11.77
N THR A 450 21.45 -16.23 -12.21
CA THR A 450 20.89 -14.91 -12.50
C THR A 450 19.88 -15.00 -13.61
N LYS A 451 20.29 -15.64 -14.70
CA LYS A 451 19.40 -15.86 -15.83
C LYS A 451 18.16 -16.66 -15.41
N TYR A 452 18.34 -17.62 -14.48
CA TYR A 452 17.20 -18.40 -13.99
C TYR A 452 16.18 -17.50 -13.29
N ILE A 453 16.67 -16.64 -12.41
CA ILE A 453 15.76 -15.72 -11.71
C ILE A 453 15.04 -14.80 -12.71
N MET A 454 15.80 -14.26 -13.66
CA MET A 454 15.20 -13.50 -14.77
C MET A 454 14.07 -14.24 -15.51
N THR A 455 14.32 -15.50 -15.88
CA THR A 455 13.26 -16.26 -16.56
C THR A 455 12.04 -16.43 -15.65
N CYS A 456 12.29 -16.64 -14.36
CA CYS A 456 11.19 -16.65 -13.41
C CYS A 456 10.41 -15.34 -13.38
N MET A 457 11.10 -14.22 -13.57
CA MET A 457 10.40 -12.93 -13.57
C MET A 457 9.48 -12.86 -14.77
N SER A 458 10.00 -13.18 -15.95
CA SER A 458 9.18 -13.37 -17.16
C SER A 458 8.02 -14.34 -16.97
N ALA A 459 8.31 -15.49 -16.36
CA ALA A 459 7.30 -16.52 -16.19
C ALA A 459 6.15 -16.14 -15.24
N ASP A 460 6.47 -15.51 -14.10
CA ASP A 460 5.51 -15.44 -13.00
C ASP A 460 5.05 -14.02 -12.59
N LEU A 461 5.65 -12.98 -13.15
CA LEU A 461 5.21 -11.62 -12.85
C LEU A 461 4.36 -11.08 -14.01
N GLU A 462 3.23 -10.42 -13.68
CA GLU A 462 2.19 -10.00 -14.65
C GLU A 462 2.53 -8.76 -15.50
N VAL A 463 1.49 -8.21 -16.15
CA VAL A 463 1.56 -7.21 -17.24
C VAL A 463 2.91 -7.15 -17.99
N ASN B 21 -18.99 11.73 9.79
CA ASN B 21 -20.32 11.66 10.40
C ASN B 21 -21.42 11.31 9.39
N SER B 22 -22.39 10.53 9.85
CA SER B 22 -23.42 9.94 8.97
C SER B 22 -24.56 10.87 8.52
N SER B 23 -24.60 12.11 9.03
CA SER B 23 -25.70 13.03 8.69
C SER B 23 -25.20 14.48 8.45
N PRO B 24 -25.87 15.24 7.56
CA PRO B 24 -25.40 16.57 7.13
C PRO B 24 -25.14 17.52 8.28
N PRO B 25 -23.95 18.15 8.31
CA PRO B 25 -23.49 19.11 9.33
C PRO B 25 -24.32 20.39 9.36
N ALA B 26 -24.70 20.82 10.57
CA ALA B 26 -25.36 22.11 10.74
C ALA B 26 -24.45 23.17 10.17
N VAL B 27 -25.03 24.16 9.51
CA VAL B 27 -24.20 25.20 8.95
C VAL B 27 -23.70 26.07 10.09
N PRO B 28 -22.38 26.10 10.29
CA PRO B 28 -21.73 26.74 11.44
C PRO B 28 -21.80 28.25 11.35
N GLN B 29 -21.40 28.96 12.40
CA GLN B 29 -21.47 30.42 12.36
C GLN B 29 -20.13 31.08 12.03
N SER B 30 -19.05 30.32 12.16
CA SER B 30 -17.78 30.74 11.59
C SER B 30 -17.31 29.59 10.70
N PHE B 31 -16.37 29.89 9.82
CA PHE B 31 -16.01 28.93 8.77
C PHE B 31 -15.51 27.60 9.32
N GLN B 32 -16.07 26.51 8.78
CA GLN B 32 -15.63 25.18 9.16
C GLN B 32 -15.56 24.21 7.98
N VAL B 33 -14.70 23.20 8.15
CA VAL B 33 -14.61 22.09 7.23
C VAL B 33 -15.19 20.84 7.86
N ALA B 34 -16.16 20.25 7.18
CA ALA B 34 -16.86 19.09 7.71
C ALA B 34 -16.72 17.85 6.84
N HIS B 35 -17.01 16.69 7.43
CA HIS B 35 -17.02 15.42 6.72
C HIS B 35 -18.40 14.82 6.76
N LEU B 36 -18.78 14.16 5.69
CA LEU B 36 -20.06 13.48 5.62
C LEU B 36 -19.88 12.10 5.01
N HIS B 37 -20.10 11.03 5.79
CA HIS B 37 -20.12 9.71 5.20
C HIS B 37 -21.51 9.45 4.69
N ALA B 38 -21.73 9.60 3.39
CA ALA B 38 -23.00 9.29 2.76
C ALA B 38 -23.21 7.79 2.89
N PRO B 39 -24.45 7.29 2.85
CA PRO B 39 -24.56 5.83 3.05
C PRO B 39 -23.90 5.02 1.92
N THR B 40 -23.42 3.83 2.24
CA THR B 40 -22.60 3.01 1.34
C THR B 40 -23.09 2.84 -0.12
N GLY B 41 -24.38 2.71 -0.34
CA GLY B 41 -24.86 2.57 -1.70
C GLY B 41 -25.18 3.89 -2.41
N SER B 42 -24.90 5.00 -1.75
CA SER B 42 -25.41 6.31 -2.14
C SER B 42 -24.94 6.82 -3.52
N GLY B 43 -25.79 7.59 -4.18
CA GLY B 43 -25.43 8.19 -5.45
C GLY B 43 -24.87 9.58 -5.24
N LYS B 44 -24.59 10.30 -6.32
CA LYS B 44 -24.01 11.63 -6.22
C LYS B 44 -24.86 12.59 -5.37
N SER B 45 -24.18 13.47 -4.66
CA SER B 45 -24.81 14.35 -3.66
C SER B 45 -26.03 15.08 -4.19
N THR B 46 -27.22 14.60 -3.82
CA THR B 46 -28.48 15.24 -4.24
C THR B 46 -29.35 15.65 -3.06
N LYS B 47 -29.54 14.75 -2.10
CA LYS B 47 -30.40 15.06 -0.96
C LYS B 47 -29.77 16.19 -0.17
N VAL B 48 -28.52 16.00 0.26
CA VAL B 48 -27.84 16.99 1.08
C VAL B 48 -27.72 18.40 0.50
N PRO B 49 -27.50 18.51 -0.83
CA PRO B 49 -27.53 19.89 -1.33
C PRO B 49 -28.92 20.53 -1.22
N ALA B 50 -29.96 19.74 -1.44
CA ALA B 50 -31.34 20.24 -1.41
C ALA B 50 -31.72 20.81 -0.02
N ALA B 51 -31.31 20.13 1.04
CA ALA B 51 -31.50 20.59 2.41
C ALA B 51 -30.90 21.97 2.68
N TYR B 52 -29.60 22.13 2.48
CA TYR B 52 -28.92 23.41 2.68
C TYR B 52 -29.54 24.53 1.85
N ALA B 53 -29.98 24.19 0.65
CA ALA B 53 -30.58 25.15 -0.27
C ALA B 53 -31.92 25.62 0.29
N ALA B 54 -32.71 24.66 0.78
CA ALA B 54 -34.00 24.94 1.41
C ALA B 54 -33.87 25.95 2.56
N GLN B 55 -32.76 25.89 3.29
CA GLN B 55 -32.47 26.84 4.37
C GLN B 55 -31.98 28.20 3.88
N GLY B 56 -32.10 28.44 2.57
CA GLY B 56 -31.76 29.75 2.02
C GLY B 56 -30.33 29.95 1.53
N TYR B 57 -29.51 28.89 1.58
CA TYR B 57 -28.08 28.98 1.22
C TYR B 57 -27.79 28.66 -0.26
N LYS B 58 -26.81 29.35 -0.84
CA LYS B 58 -26.38 29.02 -2.19
C LYS B 58 -25.26 27.97 -2.11
N VAL B 59 -25.53 26.82 -2.72
CA VAL B 59 -24.66 25.67 -2.64
C VAL B 59 -23.93 25.39 -3.96
N LEU B 60 -22.61 25.24 -3.89
CA LEU B 60 -21.86 24.61 -4.99
C LEU B 60 -21.52 23.15 -4.65
N VAL B 61 -21.86 22.22 -5.55
CA VAL B 61 -21.49 20.81 -5.41
C VAL B 61 -20.46 20.45 -6.46
N LEU B 62 -19.37 19.80 -6.06
CA LEU B 62 -18.30 19.43 -6.99
C LEU B 62 -18.08 17.92 -7.04
N ASN B 63 -18.00 17.37 -8.24
CA ASN B 63 -17.74 15.96 -8.47
C ASN B 63 -16.67 15.80 -9.55
N PRO B 64 -16.10 14.59 -9.68
CA PRO B 64 -15.22 14.35 -10.82
C PRO B 64 -15.96 14.61 -12.13
N SER B 65 -17.22 14.17 -12.17
CA SER B 65 -18.10 14.37 -13.32
C SER B 65 -19.56 14.69 -12.88
N VAL B 66 -20.32 15.42 -13.71
CA VAL B 66 -21.74 15.66 -13.46
C VAL B 66 -22.63 14.76 -14.31
N ALA B 67 -22.06 13.79 -15.02
CA ALA B 67 -22.92 12.80 -15.67
C ALA B 67 -23.66 12.02 -14.59
N ALA B 68 -24.86 11.57 -14.94
CA ALA B 68 -25.63 10.69 -14.09
C ALA B 68 -24.77 9.53 -13.63
N THR B 69 -24.86 9.17 -12.35
CA THR B 69 -24.04 8.09 -11.81
C THR B 69 -24.38 6.77 -12.53
N LEU B 70 -25.66 6.62 -12.86
CA LEU B 70 -26.14 5.45 -13.60
C LEU B 70 -25.46 5.30 -14.98
N GLY B 71 -25.10 6.43 -15.58
CA GLY B 71 -24.54 6.43 -16.93
C GLY B 71 -25.67 6.63 -17.93
N PHE B 72 -26.85 6.80 -17.37
CA PHE B 72 -28.05 7.03 -18.13
C PHE B 72 -28.86 8.06 -17.35
N GLY B 73 -29.39 9.05 -18.05
CA GLY B 73 -30.16 10.09 -17.40
C GLY B 73 -29.58 11.46 -17.65
N ALA B 74 -30.17 12.46 -17.01
CA ALA B 74 -29.72 13.83 -17.18
C ALA B 74 -28.42 14.10 -16.43
N TYR B 75 -27.70 15.10 -16.91
CA TYR B 75 -26.59 15.64 -16.17
C TYR B 75 -27.10 16.18 -14.85
N MET B 76 -26.20 16.27 -13.87
CA MET B 76 -26.54 16.82 -12.57
C MET B 76 -26.70 18.35 -12.66
N SER B 77 -26.25 18.93 -13.78
CA SER B 77 -26.28 20.39 -13.94
C SER B 77 -27.51 20.85 -14.73
N LYS B 78 -28.34 19.89 -15.15
CA LYS B 78 -29.67 20.21 -15.69
C LYS B 78 -30.42 21.18 -14.78
N ALA B 79 -31.06 22.18 -15.39
CA ALA B 79 -31.87 23.14 -14.67
C ALA B 79 -33.31 22.65 -14.61
N SER B 97 -31.15 29.63 -9.53
CA SER B 97 -31.26 28.44 -8.67
C SER B 97 -30.21 28.45 -7.58
N PRO B 98 -30.55 27.91 -6.40
CA PRO B 98 -29.57 27.91 -5.32
C PRO B 98 -28.67 26.67 -5.28
N ILE B 99 -28.74 25.79 -6.28
CA ILE B 99 -27.76 24.69 -6.36
C ILE B 99 -27.06 24.57 -7.71
N THR B 100 -25.77 24.89 -7.71
CA THR B 100 -24.92 24.70 -8.87
C THR B 100 -24.11 23.40 -8.74
N TYR B 101 -24.23 22.54 -9.76
CA TYR B 101 -23.41 21.35 -9.88
C TYR B 101 -22.30 21.55 -10.90
N SER B 102 -21.05 21.37 -10.49
CA SER B 102 -19.94 21.40 -11.45
C SER B 102 -18.90 20.30 -11.19
N THR B 103 -17.71 20.44 -11.77
CA THR B 103 -16.69 19.41 -11.56
C THR B 103 -15.42 20.04 -11.04
N TYR B 104 -14.57 19.21 -10.44
CA TYR B 104 -13.27 19.70 -9.98
C TYR B 104 -12.49 20.27 -11.16
N GLY B 105 -12.59 19.61 -12.32
CA GLY B 105 -11.87 20.05 -13.51
C GLY B 105 -12.28 21.43 -13.99
N LYS B 106 -13.58 21.57 -14.20
CA LYS B 106 -14.21 22.85 -14.50
C LYS B 106 -13.85 23.91 -13.44
N PHE B 107 -13.95 23.53 -12.17
CA PHE B 107 -13.68 24.46 -11.05
C PHE B 107 -12.27 25.03 -11.16
N LEU B 108 -11.32 24.14 -11.40
CA LEU B 108 -9.93 24.55 -11.56
C LEU B 108 -9.74 25.46 -12.78
N ALA B 109 -10.39 25.11 -13.89
CA ALA B 109 -10.31 25.88 -15.13
C ALA B 109 -10.89 27.28 -14.96
N ASP B 110 -11.99 27.40 -14.20
CA ASP B 110 -12.61 28.70 -13.88
C ASP B 110 -11.73 29.58 -13.01
N GLY B 111 -10.69 29.00 -12.42
CA GLY B 111 -9.80 29.78 -11.59
C GLY B 111 -10.02 29.60 -10.09
N GLY B 112 -10.94 28.72 -9.73
CA GLY B 112 -11.18 28.47 -8.32
C GLY B 112 -12.40 29.20 -7.81
N CYS B 113 -12.42 29.46 -6.51
CA CYS B 113 -13.53 30.13 -5.85
C CYS B 113 -13.70 31.55 -6.37
N SER B 114 -14.77 31.75 -7.12
CA SER B 114 -15.16 33.09 -7.52
C SER B 114 -15.63 33.91 -6.30
N GLY B 115 -15.13 35.14 -6.19
CA GLY B 115 -15.54 36.14 -5.21
C GLY B 115 -16.30 35.69 -3.99
N GLY B 116 -17.56 36.11 -3.86
CA GLY B 116 -18.42 35.66 -2.78
C GLY B 116 -19.68 34.99 -3.32
N ALA B 117 -19.47 33.92 -4.10
CA ALA B 117 -20.55 33.33 -4.86
C ALA B 117 -21.33 32.26 -4.10
N TYR B 118 -20.70 31.61 -3.13
CA TYR B 118 -21.35 30.48 -2.47
C TYR B 118 -21.20 30.49 -0.96
N ASP B 119 -22.24 30.01 -0.27
CA ASP B 119 -22.19 29.86 1.19
C ASP B 119 -21.62 28.51 1.57
N ILE B 120 -21.96 27.52 0.73
CA ILE B 120 -21.65 26.13 0.99
C ILE B 120 -21.12 25.44 -0.25
N ILE B 121 -19.95 24.83 -0.11
CA ILE B 121 -19.35 24.06 -1.18
C ILE B 121 -19.23 22.61 -0.74
N ILE B 122 -19.82 21.71 -1.52
CA ILE B 122 -19.74 20.30 -1.24
C ILE B 122 -18.73 19.64 -2.19
N CYS B 123 -17.65 19.15 -1.62
CA CYS B 123 -16.72 18.33 -2.36
C CYS B 123 -17.16 16.86 -2.31
N ASP B 124 -17.85 16.43 -3.35
CA ASP B 124 -18.41 15.10 -3.30
C ASP B 124 -17.44 14.07 -3.90
N GLU B 125 -17.71 12.79 -3.65
CA GLU B 125 -16.78 11.69 -3.94
C GLU B 125 -15.35 12.08 -3.57
N CYS B 126 -15.18 12.64 -2.38
CA CYS B 126 -13.93 13.31 -2.01
C CYS B 126 -12.80 12.31 -1.70
N HIS B 127 -13.09 11.03 -1.95
CA HIS B 127 -12.14 9.96 -1.85
C HIS B 127 -11.34 9.79 -3.16
N SER B 128 -11.75 10.51 -4.21
CA SER B 128 -11.11 10.37 -5.54
C SER B 128 -9.68 10.79 -5.47
N THR B 129 -8.79 10.01 -6.08
CA THR B 129 -7.38 10.35 -5.98
C THR B 129 -6.75 10.58 -7.34
N ASP B 130 -7.54 11.00 -8.31
CA ASP B 130 -6.98 11.46 -9.56
C ASP B 130 -6.49 12.90 -9.35
N ALA B 131 -5.55 13.35 -10.19
CA ALA B 131 -4.89 14.65 -9.98
C ALA B 131 -5.86 15.82 -9.87
N THR B 132 -6.85 15.82 -10.74
CA THR B 132 -7.85 16.87 -10.82
C THR B 132 -8.70 16.95 -9.55
N SER B 133 -9.11 15.81 -9.01
CA SER B 133 -9.89 15.85 -7.78
C SER B 133 -9.02 16.42 -6.66
N ILE B 134 -7.81 15.91 -6.54
CA ILE B 134 -6.94 16.36 -5.46
C ILE B 134 -6.59 17.84 -5.56
N LEU B 135 -6.17 18.29 -6.74
CA LEU B 135 -5.88 19.73 -6.91
C LEU B 135 -7.14 20.58 -6.62
N GLY B 136 -8.30 20.12 -7.09
CA GLY B 136 -9.54 20.86 -6.93
C GLY B 136 -10.03 20.97 -5.50
N ILE B 137 -9.95 19.86 -4.78
CA ILE B 137 -10.31 19.86 -3.38
C ILE B 137 -9.36 20.74 -2.58
N GLY B 138 -8.05 20.56 -2.79
CA GLY B 138 -7.07 21.41 -2.13
C GLY B 138 -7.28 22.90 -2.39
N THR B 139 -7.80 23.21 -3.59
CA THR B 139 -8.09 24.59 -3.97
C THR B 139 -9.28 25.13 -3.17
N VAL B 140 -10.32 24.33 -3.06
CA VAL B 140 -11.48 24.67 -2.26
C VAL B 140 -11.05 24.95 -0.83
N LEU B 141 -10.26 24.03 -0.28
CA LEU B 141 -9.81 24.13 1.12
C LEU B 141 -8.97 25.37 1.38
N ASP B 142 -8.23 25.81 0.38
CA ASP B 142 -7.35 26.94 0.61
C ASP B 142 -8.07 28.27 0.37
N GLN B 143 -9.13 28.25 -0.43
CA GLN B 143 -9.75 29.46 -0.92
C GLN B 143 -11.16 29.75 -0.34
N ALA B 144 -11.84 28.73 0.16
CA ALA B 144 -13.25 28.87 0.49
C ALA B 144 -13.52 29.92 1.54
N GLU B 145 -12.72 29.91 2.60
CA GLU B 145 -12.95 30.84 3.70
C GLU B 145 -12.77 32.29 3.24
N THR B 146 -11.70 32.55 2.51
CA THR B 146 -11.44 33.89 2.00
C THR B 146 -12.49 34.32 0.97
N ALA B 147 -13.14 33.34 0.35
CA ALA B 147 -14.11 33.62 -0.69
C ALA B 147 -15.52 33.72 -0.11
N GLY B 148 -15.63 33.67 1.21
CA GLY B 148 -16.91 33.91 1.87
C GLY B 148 -17.85 32.73 2.04
N ALA B 149 -17.32 31.51 1.97
CA ALA B 149 -18.12 30.35 2.29
C ALA B 149 -18.18 30.17 3.80
N ARG B 150 -19.26 29.60 4.30
CA ARG B 150 -19.40 29.28 5.72
C ARG B 150 -18.91 27.87 6.01
N LEU B 151 -19.12 27.01 5.03
CA LEU B 151 -18.98 25.57 5.22
C LEU B 151 -18.43 24.83 3.98
N VAL B 152 -17.36 24.08 4.18
CA VAL B 152 -16.92 23.11 3.19
C VAL B 152 -17.24 21.71 3.69
N VAL B 153 -18.01 20.99 2.89
CA VAL B 153 -18.36 19.60 3.17
C VAL B 153 -17.57 18.62 2.28
N LEU B 154 -16.73 17.80 2.90
CA LEU B 154 -16.03 16.72 2.23
C LEU B 154 -16.86 15.44 2.32
N ALA B 155 -17.63 15.17 1.27
CA ALA B 155 -18.53 14.02 1.26
C ALA B 155 -18.03 12.83 0.44
N THR B 156 -18.28 11.63 0.98
CA THR B 156 -17.96 10.40 0.27
C THR B 156 -18.71 9.21 0.85
N ALA B 157 -19.10 8.26 0.00
CA ALA B 157 -19.62 6.98 0.49
C ALA B 157 -18.49 6.03 0.91
N THR B 158 -17.24 6.49 0.74
CA THR B 158 -16.04 5.67 0.90
C THR B 158 -14.89 6.39 1.61
N PRO B 159 -15.03 6.69 2.92
CA PRO B 159 -13.91 7.36 3.59
C PRO B 159 -12.68 6.46 3.58
N PRO B 160 -11.52 7.01 3.93
CA PRO B 160 -10.31 6.19 4.05
C PRO B 160 -10.54 4.97 4.97
N GLY B 161 -10.01 3.82 4.57
CA GLY B 161 -10.17 2.60 5.32
C GLY B 161 -11.45 1.85 5.06
N SER B 162 -12.26 2.32 4.13
CA SER B 162 -13.49 1.61 3.80
C SER B 162 -13.22 0.23 3.21
N VAL B 163 -14.09 -0.73 3.51
CA VAL B 163 -14.00 -2.05 2.89
C VAL B 163 -15.32 -2.36 2.22
N THR B 164 -15.28 -3.27 1.24
CA THR B 164 -16.52 -3.59 0.53
C THR B 164 -17.41 -4.41 1.44
N VAL B 165 -18.71 -4.23 1.28
CA VAL B 165 -19.69 -4.87 2.15
C VAL B 165 -20.52 -5.81 1.32
N SER B 166 -21.12 -6.80 1.98
CA SER B 166 -21.98 -7.74 1.28
C SER B 166 -23.13 -6.99 0.62
N HIS B 167 -23.35 -7.32 -0.64
CA HIS B 167 -24.47 -6.80 -1.42
C HIS B 167 -25.57 -7.84 -1.39
N PRO B 168 -26.74 -7.47 -0.85
CA PRO B 168 -27.83 -8.44 -0.64
C PRO B 168 -28.34 -9.07 -1.93
N ASN B 169 -28.06 -8.46 -3.08
CA ASN B 169 -28.51 -9.06 -4.32
C ASN B 169 -27.42 -9.80 -5.09
N ILE B 170 -26.23 -9.96 -4.50
CA ILE B 170 -25.13 -10.58 -5.22
C ILE B 170 -24.46 -11.69 -4.43
N GLU B 171 -24.58 -12.91 -4.95
CA GLU B 171 -23.94 -14.07 -4.36
C GLU B 171 -22.45 -14.09 -4.74
N GLU B 172 -21.57 -14.28 -3.77
CA GLU B 172 -20.15 -14.25 -4.07
C GLU B 172 -19.52 -15.62 -3.90
N VAL B 173 -18.90 -16.12 -4.96
CA VAL B 173 -18.34 -17.48 -4.96
C VAL B 173 -16.85 -17.40 -5.30
N ALA B 174 -15.99 -18.00 -4.47
CA ALA B 174 -14.57 -18.02 -4.81
C ALA B 174 -14.32 -18.92 -6.01
N LEU B 175 -13.44 -18.49 -6.91
CA LEU B 175 -12.89 -19.40 -7.91
C LEU B 175 -11.97 -20.44 -7.25
N SER B 176 -12.04 -21.68 -7.69
CA SER B 176 -11.10 -22.70 -7.26
C SER B 176 -10.03 -22.88 -8.33
N THR B 177 -9.19 -23.89 -8.17
CA THR B 177 -8.21 -24.24 -9.20
C THR B 177 -8.78 -25.25 -10.23
N THR B 178 -10.01 -25.66 -10.00
CA THR B 178 -10.67 -26.56 -10.91
C THR B 178 -11.42 -25.81 -12.02
N GLY B 179 -11.12 -26.10 -13.28
CA GLY B 179 -11.84 -25.52 -14.40
C GLY B 179 -11.02 -25.53 -15.67
N GLU B 180 -11.69 -25.36 -16.80
CA GLU B 180 -11.04 -25.45 -18.12
C GLU B 180 -10.16 -24.25 -18.42
N ILE B 181 -10.56 -23.10 -17.88
CA ILE B 181 -9.93 -21.83 -18.24
C ILE B 181 -9.10 -21.25 -17.08
N PRO B 182 -7.78 -21.27 -17.24
CA PRO B 182 -6.86 -20.73 -16.21
C PRO B 182 -7.08 -19.23 -16.05
N PHE B 183 -7.10 -18.76 -14.81
CA PHE B 183 -7.44 -17.36 -14.58
C PHE B 183 -6.71 -16.83 -13.36
N TYR B 184 -5.59 -16.15 -13.59
CA TYR B 184 -4.83 -15.55 -12.52
C TYR B 184 -4.52 -16.52 -11.38
N GLY B 185 -4.15 -17.75 -11.75
CA GLY B 185 -3.71 -18.74 -10.78
C GLY B 185 -4.85 -19.61 -10.28
N LYS B 186 -6.06 -19.24 -10.67
CA LYS B 186 -7.17 -20.12 -10.40
C LYS B 186 -7.79 -20.53 -11.74
N ALA B 187 -8.99 -21.08 -11.70
CA ALA B 187 -9.60 -21.57 -12.93
C ALA B 187 -11.05 -21.16 -13.02
N ILE B 188 -11.50 -20.90 -14.25
CA ILE B 188 -12.91 -20.68 -14.55
C ILE B 188 -13.46 -21.94 -15.22
N PRO B 189 -14.43 -22.60 -14.59
CA PRO B 189 -15.11 -23.72 -15.24
C PRO B 189 -15.97 -23.22 -16.39
N LEU B 190 -15.96 -23.92 -17.51
CA LEU B 190 -16.68 -23.45 -18.70
C LEU B 190 -18.18 -23.35 -18.45
N GLU B 191 -18.68 -24.19 -17.56
CA GLU B 191 -20.10 -24.24 -17.26
C GLU B 191 -20.67 -22.92 -16.71
N VAL B 192 -19.87 -22.13 -15.97
CA VAL B 192 -20.43 -20.93 -15.35
C VAL B 192 -20.51 -19.76 -16.32
N ILE B 193 -20.03 -19.95 -17.56
CA ILE B 193 -20.12 -18.89 -18.57
C ILE B 193 -20.71 -19.30 -19.95
N LYS B 194 -20.82 -20.59 -20.25
CA LYS B 194 -21.52 -20.99 -21.47
C LYS B 194 -23.01 -20.70 -21.32
N GLY B 195 -23.53 -19.84 -22.19
CA GLY B 195 -24.89 -19.38 -22.01
C GLY B 195 -24.99 -18.31 -20.94
N GLY B 196 -25.87 -17.35 -21.15
CA GLY B 196 -25.96 -16.22 -20.24
C GLY B 196 -25.04 -15.10 -20.70
N ARG B 197 -25.07 -14.01 -19.96
CA ARG B 197 -24.18 -12.89 -20.22
C ARG B 197 -23.23 -12.69 -19.04
N HIS B 198 -21.93 -12.63 -19.31
CA HIS B 198 -20.93 -12.50 -18.24
C HIS B 198 -19.85 -11.47 -18.55
N LEU B 199 -19.36 -10.83 -17.48
CA LEU B 199 -18.31 -9.84 -17.59
C LEU B 199 -17.10 -10.34 -16.82
N ILE B 200 -15.93 -10.25 -17.45
CA ILE B 200 -14.74 -10.69 -16.75
C ILE B 200 -13.75 -9.56 -16.74
N PHE B 201 -13.31 -9.15 -15.55
CA PHE B 201 -12.32 -8.09 -15.48
C PHE B 201 -10.93 -8.69 -15.46
N CYS B 202 -10.09 -8.18 -16.36
CA CYS B 202 -8.67 -8.50 -16.42
C CYS B 202 -7.92 -7.20 -16.18
N HIS B 203 -6.68 -7.27 -15.72
CA HIS B 203 -5.94 -6.06 -15.36
C HIS B 203 -5.35 -5.29 -16.53
N SER B 204 -5.17 -5.95 -17.68
CA SER B 204 -4.51 -5.36 -18.84
C SER B 204 -5.12 -5.78 -20.16
N LYS B 205 -4.99 -4.92 -21.16
CA LYS B 205 -5.49 -5.19 -22.52
C LYS B 205 -5.05 -6.55 -23.04
N LYS B 206 -3.77 -6.87 -22.85
CA LYS B 206 -3.18 -8.09 -23.35
C LYS B 206 -3.85 -9.32 -22.74
N LYS B 207 -4.18 -9.24 -21.46
CA LYS B 207 -4.82 -10.36 -20.78
C LYS B 207 -6.23 -10.53 -21.34
N CYS B 208 -6.90 -9.41 -21.60
CA CYS B 208 -8.21 -9.40 -22.19
C CYS B 208 -8.22 -10.05 -23.56
N ASP B 209 -7.29 -9.66 -24.42
CA ASP B 209 -7.16 -10.26 -25.75
C ASP B 209 -6.98 -11.77 -25.62
N GLU B 210 -5.99 -12.16 -24.81
CA GLU B 210 -5.64 -13.56 -24.64
C GLU B 210 -6.78 -14.40 -24.11
N LEU B 211 -7.52 -13.87 -23.13
CA LEU B 211 -8.58 -14.64 -22.52
C LEU B 211 -9.75 -14.82 -23.49
N ALA B 212 -10.18 -13.72 -24.12
CA ALA B 212 -11.22 -13.77 -25.15
C ALA B 212 -10.90 -14.82 -26.21
N ALA B 213 -9.71 -14.75 -26.78
CA ALA B 213 -9.28 -15.71 -27.81
C ALA B 213 -9.49 -17.14 -27.30
N LYS B 214 -9.07 -17.39 -26.07
CA LYS B 214 -9.10 -18.74 -25.54
C LYS B 214 -10.56 -19.18 -25.33
N LEU B 215 -11.44 -18.23 -25.02
CA LEU B 215 -12.86 -18.53 -24.87
C LEU B 215 -13.52 -18.83 -26.22
N VAL B 216 -13.11 -18.09 -27.24
CA VAL B 216 -13.66 -18.27 -28.58
C VAL B 216 -13.33 -19.65 -29.14
N ALA B 217 -12.10 -20.10 -28.88
CA ALA B 217 -11.66 -21.40 -29.37
C ALA B 217 -12.38 -22.52 -28.64
N LEU B 218 -13.08 -22.16 -27.57
CA LEU B 218 -13.77 -23.15 -26.75
C LEU B 218 -15.27 -23.08 -26.96
N GLY B 219 -15.69 -22.21 -27.87
CA GLY B 219 -17.06 -22.19 -28.32
C GLY B 219 -17.87 -21.06 -27.75
N ILE B 220 -17.25 -20.31 -26.83
CA ILE B 220 -17.88 -19.20 -26.14
C ILE B 220 -17.88 -17.94 -27.01
N ASN B 221 -19.02 -17.25 -27.06
CA ASN B 221 -19.05 -15.95 -27.72
C ASN B 221 -18.41 -14.85 -26.84
N ALA B 222 -17.10 -14.75 -26.92
CA ALA B 222 -16.32 -13.81 -26.11
C ALA B 222 -15.80 -12.59 -26.88
N VAL B 223 -16.12 -11.43 -26.34
CA VAL B 223 -15.76 -10.14 -26.89
C VAL B 223 -14.83 -9.39 -25.92
N ALA B 224 -13.73 -8.83 -26.43
CA ALA B 224 -12.84 -8.08 -25.56
C ALA B 224 -13.05 -6.57 -25.67
N TYR B 225 -13.02 -5.87 -24.54
CA TYR B 225 -13.18 -4.42 -24.52
C TYR B 225 -12.14 -3.72 -23.68
N TYR B 226 -11.71 -2.57 -24.15
CA TYR B 226 -10.71 -1.75 -23.45
C TYR B 226 -10.61 -0.41 -24.18
N ARG B 227 -9.73 0.48 -23.71
CA ARG B 227 -9.63 1.81 -24.30
C ARG B 227 -9.20 1.69 -25.76
N GLY B 228 -9.92 2.39 -26.64
CA GLY B 228 -9.65 2.35 -28.06
C GLY B 228 -10.70 1.60 -28.86
N LEU B 229 -11.74 1.12 -28.19
CA LEU B 229 -12.80 0.36 -28.85
C LEU B 229 -14.15 1.04 -28.56
N ASP B 230 -15.23 0.48 -29.10
CA ASP B 230 -16.54 1.15 -29.06
C ASP B 230 -17.66 0.35 -28.37
N VAL B 231 -18.45 -0.37 -29.15
CA VAL B 231 -19.56 -1.19 -28.64
C VAL B 231 -19.68 -2.48 -29.46
N SER B 232 -18.54 -3.12 -29.70
CA SER B 232 -18.54 -4.46 -30.29
C SER B 232 -19.22 -5.43 -29.33
N VAL B 233 -19.19 -5.08 -28.03
CA VAL B 233 -20.03 -5.68 -27.02
C VAL B 233 -21.42 -5.72 -27.59
N ILE B 234 -21.94 -6.91 -27.81
CA ILE B 234 -23.26 -7.07 -28.38
C ILE B 234 -24.26 -6.49 -27.35
N PRO B 235 -24.93 -5.34 -27.67
CA PRO B 235 -25.96 -4.82 -26.76
C PRO B 235 -27.31 -5.24 -27.31
N THR B 236 -27.24 -6.09 -28.33
CA THR B 236 -28.23 -7.12 -28.50
C THR B 236 -27.84 -7.99 -27.29
N ASN B 237 -28.60 -9.02 -27.01
CA ASN B 237 -28.70 -9.41 -25.64
C ASN B 237 -28.97 -10.87 -25.53
N GLY B 238 -28.36 -11.62 -26.46
CA GLY B 238 -28.12 -13.03 -26.28
C GLY B 238 -26.72 -13.24 -25.71
N ASP B 239 -26.44 -14.50 -25.37
CA ASP B 239 -25.21 -14.96 -24.74
C ASP B 239 -23.96 -14.20 -25.17
N VAL B 240 -23.17 -13.79 -24.18
CA VAL B 240 -21.88 -13.15 -24.41
C VAL B 240 -21.01 -13.18 -23.15
N VAL B 241 -19.70 -13.25 -23.35
CA VAL B 241 -18.77 -13.05 -22.25
C VAL B 241 -17.84 -11.90 -22.61
N VAL B 242 -18.10 -10.74 -22.04
CA VAL B 242 -17.25 -9.58 -22.24
C VAL B 242 -16.02 -9.68 -21.34
N VAL B 243 -14.84 -9.53 -21.93
CA VAL B 243 -13.59 -9.53 -21.16
C VAL B 243 -12.97 -8.16 -21.28
N SER B 244 -13.02 -7.40 -20.20
CA SER B 244 -12.56 -6.02 -20.27
C SER B 244 -11.73 -5.59 -19.08
N THR B 245 -11.06 -4.47 -19.25
CA THR B 245 -10.43 -3.73 -18.17
C THR B 245 -11.45 -2.80 -17.54
N ASP B 246 -10.98 -1.86 -16.73
CA ASP B 246 -11.84 -0.88 -16.08
C ASP B 246 -12.26 0.26 -17.01
N ALA B 247 -11.99 0.13 -18.31
CA ALA B 247 -12.45 1.08 -19.32
C ALA B 247 -13.98 1.06 -19.47
N LEU B 248 -14.56 -0.13 -19.32
CA LEU B 248 -16.02 -0.23 -19.28
C LEU B 248 -16.59 0.60 -18.11
N GLY B 254 -25.29 -2.13 -20.74
CA GLY B 254 -25.89 -3.46 -20.69
C GLY B 254 -25.78 -4.04 -19.29
N ASP B 255 -26.34 -5.24 -19.08
CA ASP B 255 -26.20 -5.88 -17.77
C ASP B 255 -25.95 -7.39 -17.81
N PHE B 256 -25.34 -7.88 -16.73
CA PHE B 256 -24.75 -9.21 -16.69
C PHE B 256 -25.28 -10.10 -15.57
N ASP B 257 -25.27 -11.41 -15.82
CA ASP B 257 -25.71 -12.41 -14.86
C ASP B 257 -24.59 -12.70 -13.86
N SER B 258 -23.37 -12.39 -14.24
CA SER B 258 -22.24 -12.60 -13.35
C SER B 258 -21.04 -11.72 -13.68
N VAL B 259 -20.23 -11.48 -12.66
CA VAL B 259 -18.95 -10.81 -12.82
C VAL B 259 -17.85 -11.76 -12.32
N ILE B 260 -16.79 -11.91 -13.12
CA ILE B 260 -15.60 -12.61 -12.66
C ILE B 260 -14.45 -11.61 -12.60
N ASP B 261 -13.76 -11.56 -11.46
CA ASP B 261 -12.79 -10.49 -11.18
C ASP B 261 -11.39 -11.05 -10.90
N CYS B 262 -10.38 -10.51 -11.56
CA CYS B 262 -9.02 -10.87 -11.26
C CYS B 262 -8.58 -10.22 -9.94
N ASN B 263 -9.32 -9.19 -9.51
CA ASN B 263 -9.12 -8.49 -8.23
C ASN B 263 -7.78 -7.75 -8.16
N THR B 264 -7.18 -7.50 -9.31
CA THR B 264 -6.00 -6.67 -9.37
C THR B 264 -6.23 -5.52 -10.34
N CYS B 265 -5.49 -4.43 -10.15
N CYS B 265 -5.51 -4.42 -10.11
CA CYS B 265 -5.60 -3.29 -11.04
CA CYS B 265 -5.58 -3.24 -10.97
C CYS B 265 -4.21 -2.73 -11.34
C CYS B 265 -4.18 -2.84 -11.42
N VAL B 266 -4.11 -2.02 -12.47
CA VAL B 266 -2.87 -1.37 -12.83
C VAL B 266 -2.90 0.06 -12.30
N THR B 267 -1.80 0.46 -11.66
CA THR B 267 -1.62 1.75 -11.00
C THR B 267 -0.40 2.54 -11.50
N GLN B 268 -0.52 3.85 -11.56
CA GLN B 268 0.63 4.69 -11.90
C GLN B 268 1.43 5.03 -10.64
N THR B 269 2.74 4.82 -10.69
CA THR B 269 3.62 5.11 -9.54
C THR B 269 4.95 5.75 -9.96
N VAL B 270 5.57 6.50 -9.05
CA VAL B 270 6.91 7.04 -9.26
C VAL B 270 7.96 6.15 -8.60
N ASP B 271 9.08 5.90 -9.25
CA ASP B 271 10.21 5.28 -8.54
C ASP B 271 11.38 6.23 -8.51
N PHE B 272 11.90 6.50 -7.31
CA PHE B 272 13.06 7.36 -7.19
C PHE B 272 14.28 6.47 -7.39
N SER B 273 14.46 6.09 -8.66
CA SER B 273 15.34 5.03 -9.09
C SER B 273 16.82 5.42 -9.25
N LEU B 274 17.09 6.71 -9.41
CA LEU B 274 18.44 7.28 -9.49
C LEU B 274 19.15 6.85 -10.76
N ASP B 275 18.43 6.89 -11.88
CA ASP B 275 18.96 6.43 -13.15
C ASP B 275 18.57 7.29 -14.34
N PRO B 276 18.82 8.60 -14.28
CA PRO B 276 19.53 9.40 -13.29
C PRO B 276 18.65 9.89 -12.13
N THR B 277 17.35 10.03 -12.36
CA THR B 277 16.46 10.70 -11.42
C THR B 277 15.28 9.87 -10.95
N PHE B 278 14.13 10.02 -11.61
CA PHE B 278 12.94 9.31 -11.16
C PHE B 278 12.26 8.70 -12.35
N THR B 279 11.35 7.78 -12.07
CA THR B 279 10.65 7.06 -13.13
C THR B 279 9.17 7.05 -12.79
N ILE B 280 8.36 7.49 -13.74
CA ILE B 280 6.93 7.25 -13.70
C ILE B 280 6.65 5.94 -14.41
N GLU B 281 6.09 4.99 -13.67
CA GLU B 281 5.83 3.65 -14.17
C GLU B 281 4.54 3.10 -13.59
N THR B 282 4.23 1.86 -13.91
CA THR B 282 3.00 1.22 -13.45
C THR B 282 3.27 0.02 -12.59
N THR B 283 2.50 -0.11 -11.51
CA THR B 283 2.50 -1.29 -10.67
C THR B 283 1.16 -1.98 -10.76
N THR B 284 1.17 -3.29 -10.62
CA THR B 284 -0.04 -4.06 -10.58
C THR B 284 -0.27 -4.44 -9.12
N LEU B 285 -1.39 -4.00 -8.57
CA LEU B 285 -1.65 -4.15 -7.15
C LEU B 285 -2.96 -4.86 -6.89
N PRO B 286 -3.15 -5.33 -5.65
CA PRO B 286 -4.52 -5.73 -5.31
C PRO B 286 -5.48 -4.54 -5.45
N GLN B 287 -6.65 -4.79 -6.04
CA GLN B 287 -7.67 -3.75 -6.17
C GLN B 287 -8.03 -3.23 -4.79
N ASP B 288 -8.57 -2.03 -4.72
CA ASP B 288 -9.07 -1.53 -3.45
C ASP B 288 -10.58 -1.66 -3.35
N ALA B 289 -11.15 -1.17 -2.25
CA ALA B 289 -12.57 -1.37 -2.03
C ALA B 289 -13.44 -0.68 -3.08
N VAL B 290 -13.03 0.49 -3.57
CA VAL B 290 -13.87 1.14 -4.56
C VAL B 290 -13.86 0.30 -5.84
N SER B 291 -12.69 -0.22 -6.22
CA SER B 291 -12.57 -1.08 -7.39
C SER B 291 -13.39 -2.35 -7.27
N ARG B 292 -13.24 -3.04 -6.14
CA ARG B 292 -13.97 -4.29 -5.94
C ARG B 292 -15.48 -4.01 -5.98
N THR B 293 -15.93 -2.96 -5.28
CA THR B 293 -17.35 -2.62 -5.19
C THR B 293 -17.99 -2.31 -6.55
N GLN B 294 -17.22 -1.57 -7.33
CA GLN B 294 -17.61 -0.99 -8.61
C GLN B 294 -17.68 -2.10 -9.71
N ARG B 295 -16.69 -2.99 -9.71
CA ARG B 295 -16.63 -4.16 -10.63
C ARG B 295 -17.70 -5.19 -10.32
N ARG B 296 -17.85 -5.49 -9.04
CA ARG B 296 -18.90 -6.40 -8.59
C ARG B 296 -20.24 -5.77 -8.90
N GLY B 297 -20.26 -4.45 -8.89
CA GLY B 297 -21.47 -3.67 -9.09
C GLY B 297 -22.09 -3.95 -10.44
N ARG B 298 -21.27 -4.34 -11.41
CA ARG B 298 -21.81 -4.56 -12.76
C ARG B 298 -22.77 -5.73 -12.83
N THR B 299 -22.87 -6.53 -11.77
CA THR B 299 -23.89 -7.58 -11.73
C THR B 299 -24.91 -7.33 -10.61
N GLY B 300 -26.02 -8.06 -10.67
CA GLY B 300 -27.09 -7.95 -9.69
C GLY B 300 -27.81 -6.62 -9.69
N ARG B 301 -27.92 -6.00 -10.87
CA ARG B 301 -28.56 -4.69 -10.98
C ARG B 301 -30.04 -4.83 -11.32
N GLY B 302 -30.80 -5.45 -10.42
CA GLY B 302 -32.20 -5.74 -10.67
C GLY B 302 -32.50 -7.20 -10.37
N LYS B 303 -32.00 -8.09 -11.22
CA LYS B 303 -32.08 -9.51 -10.96
C LYS B 303 -30.93 -9.91 -10.04
N PRO B 304 -31.03 -11.10 -9.43
CA PRO B 304 -29.92 -11.63 -8.64
C PRO B 304 -28.65 -11.79 -9.49
N GLY B 305 -27.48 -11.76 -8.86
CA GLY B 305 -26.23 -11.79 -9.59
C GLY B 305 -25.21 -12.74 -9.00
N ILE B 306 -24.15 -13.03 -9.75
CA ILE B 306 -23.05 -13.83 -9.22
C ILE B 306 -21.72 -13.09 -9.36
N TYR B 307 -20.96 -13.03 -8.27
CA TYR B 307 -19.62 -12.45 -8.31
C TYR B 307 -18.62 -13.54 -8.00
N ARG B 308 -17.73 -13.81 -8.94
CA ARG B 308 -16.69 -14.80 -8.73
C ARG B 308 -15.35 -14.11 -8.63
N PHE B 309 -14.52 -14.55 -7.68
CA PHE B 309 -13.25 -13.85 -7.45
C PHE B 309 -12.03 -14.73 -7.34
N VAL B 310 -10.89 -14.15 -7.71
CA VAL B 310 -9.62 -14.79 -7.50
C VAL B 310 -9.14 -14.65 -6.06
N ALA B 311 -9.40 -13.50 -5.43
CA ALA B 311 -8.88 -13.22 -4.08
C ALA B 311 -9.94 -12.66 -3.15
N PRO B 312 -9.98 -13.16 -1.91
CA PRO B 312 -11.05 -12.72 -1.01
C PRO B 312 -10.83 -11.29 -0.51
N GLY B 313 -9.61 -10.79 -0.56
CA GLY B 313 -9.26 -9.53 0.07
C GLY B 313 -9.14 -8.36 -0.87
N GLU B 314 -8.69 -7.24 -0.33
CA GLU B 314 -8.58 -5.99 -1.06
C GLU B 314 -7.65 -5.06 -0.29
N ARG B 315 -6.99 -4.15 -0.98
CA ARG B 315 -6.37 -3.00 -0.35
C ARG B 315 -7.46 -2.20 0.34
N PRO B 316 -7.14 -1.58 1.47
CA PRO B 316 -8.09 -0.59 1.97
C PRO B 316 -7.95 0.71 1.18
N SER B 317 -9.05 1.42 0.95
CA SER B 317 -9.00 2.68 0.20
C SER B 317 -8.37 3.79 1.05
N GLY B 318 -7.77 4.78 0.40
CA GLY B 318 -7.34 5.97 1.12
C GLY B 318 -5.89 6.36 1.01
N MET B 319 -5.19 5.84 0.03
CA MET B 319 -3.85 6.29 -0.23
C MET B 319 -3.70 6.58 -1.72
N PHE B 320 -2.88 7.57 -2.07
CA PHE B 320 -2.47 7.72 -3.45
C PHE B 320 -0.98 7.93 -3.54
N ASP B 321 -0.46 7.89 -4.76
CA ASP B 321 0.99 7.83 -4.98
C ASP B 321 1.57 9.22 -5.16
N SER B 322 2.87 9.35 -4.93
CA SER B 322 3.52 10.64 -5.09
C SER B 322 3.45 11.08 -6.54
N SER B 323 3.30 10.14 -7.47
CA SER B 323 3.18 10.52 -8.88
C SER B 323 1.94 11.40 -9.15
N VAL B 324 0.90 11.27 -8.35
CA VAL B 324 -0.24 12.17 -8.48
C VAL B 324 0.16 13.61 -8.10
N LEU B 325 1.05 13.75 -7.12
CA LEU B 325 1.50 15.07 -6.73
C LEU B 325 2.23 15.66 -7.92
N CYS B 326 3.10 14.85 -8.49
CA CYS B 326 3.78 15.26 -9.70
C CYS B 326 2.78 15.67 -10.82
N GLU B 327 1.72 14.89 -11.02
CA GLU B 327 0.69 15.27 -12.00
C GLU B 327 0.08 16.64 -11.71
N CYS B 328 -0.12 16.90 -10.42
CA CYS B 328 -0.73 18.14 -9.99
C CYS B 328 0.13 19.36 -10.35
N TYR B 329 1.44 19.28 -10.14
CA TYR B 329 2.29 20.40 -10.52
C TYR B 329 2.31 20.51 -12.05
N ASP B 330 2.33 19.36 -12.71
CA ASP B 330 2.38 19.33 -14.18
C ASP B 330 1.16 20.04 -14.74
N ALA B 331 -0.01 19.69 -14.22
CA ALA B 331 -1.22 20.33 -14.69
C ALA B 331 -1.29 21.78 -14.27
N GLY B 332 -0.68 22.10 -13.13
CA GLY B 332 -0.65 23.50 -12.71
C GLY B 332 0.09 24.34 -13.73
N CYS B 333 1.23 23.81 -14.18
CA CYS B 333 2.04 24.55 -15.15
C CYS B 333 1.44 24.48 -16.54
N ALA B 334 0.83 23.35 -16.88
CA ALA B 334 0.40 23.16 -18.27
C ALA B 334 -1.00 23.73 -18.56
N TRP B 335 -1.92 23.68 -17.60
CA TRP B 335 -3.32 24.07 -17.83
C TRP B 335 -3.83 25.25 -17.02
N TYR B 336 -3.35 25.42 -15.81
CA TYR B 336 -4.07 26.32 -14.91
C TYR B 336 -3.30 27.55 -14.59
N GLU B 337 -2.17 27.73 -15.26
CA GLU B 337 -1.36 28.94 -15.10
C GLU B 337 -0.95 29.13 -13.65
N LEU B 338 -0.66 28.04 -12.95
CA LEU B 338 -0.20 28.11 -11.56
C LEU B 338 1.33 27.98 -11.45
N MET B 339 1.95 28.95 -10.78
CA MET B 339 3.34 28.79 -10.38
C MET B 339 3.38 27.57 -9.46
N PRO B 340 4.51 26.86 -9.46
CA PRO B 340 4.62 25.72 -8.53
C PRO B 340 4.26 26.08 -7.07
N ALA B 341 4.65 27.26 -6.62
CA ALA B 341 4.36 27.65 -5.24
C ALA B 341 2.84 27.85 -5.04
N GLU B 342 2.14 28.25 -6.09
CA GLU B 342 0.70 28.36 -5.92
C GLU B 342 0.12 26.95 -5.83
N THR B 343 0.69 25.99 -6.55
CA THR B 343 0.18 24.61 -6.49
C THR B 343 0.47 24.02 -5.12
N THR B 344 1.63 24.39 -4.58
CA THR B 344 2.02 23.93 -3.26
C THR B 344 1.02 24.36 -2.20
N VAL B 345 0.62 25.63 -2.22
CA VAL B 345 -0.33 26.15 -1.23
C VAL B 345 -1.63 25.33 -1.27
N ARG B 346 -2.12 25.04 -2.47
CA ARG B 346 -3.33 24.25 -2.66
C ARG B 346 -3.20 22.81 -2.14
N LEU B 347 -2.06 22.19 -2.40
CA LEU B 347 -1.88 20.82 -1.96
C LEU B 347 -1.65 20.76 -0.46
N ARG B 348 -0.89 21.73 0.06
CA ARG B 348 -0.59 21.79 1.49
C ARG B 348 -1.92 21.82 2.28
N ALA B 349 -2.87 22.61 1.77
CA ALA B 349 -4.17 22.72 2.40
C ALA B 349 -4.85 21.36 2.38
N TYR B 350 -4.76 20.68 1.24
CA TYR B 350 -5.28 19.33 1.15
C TYR B 350 -4.66 18.44 2.26
N MET B 351 -3.34 18.36 2.29
CA MET B 351 -2.68 17.44 3.23
C MET B 351 -2.83 17.86 4.70
N ASN B 352 -3.11 19.13 4.96
CA ASN B 352 -3.32 19.56 6.33
C ASN B 352 -4.72 19.19 6.81
N THR B 353 -5.53 18.65 5.91
CA THR B 353 -6.92 18.38 6.21
C THR B 353 -7.14 16.90 6.52
N PRO B 354 -7.71 16.62 7.70
CA PRO B 354 -7.96 15.24 8.12
C PRO B 354 -9.07 14.55 7.31
N GLY B 355 -9.05 13.22 7.27
CA GLY B 355 -10.12 12.42 6.70
C GLY B 355 -10.08 12.26 5.19
N LEU B 356 -8.96 12.66 4.60
CA LEU B 356 -8.73 12.57 3.17
C LEU B 356 -7.65 11.56 2.92
N PRO B 357 -7.59 11.01 1.69
CA PRO B 357 -6.54 10.09 1.25
C PRO B 357 -5.17 10.66 1.56
N VAL B 358 -4.20 9.79 1.83
CA VAL B 358 -2.86 10.22 2.23
C VAL B 358 -1.80 9.86 1.20
N CYS B 359 -0.79 10.72 1.13
CA CYS B 359 0.32 10.55 0.25
C CYS B 359 1.60 10.97 0.96
N GLN B 360 2.73 10.50 0.48
CA GLN B 360 4.01 11.00 0.97
C GLN B 360 4.04 12.52 0.78
N ASP B 361 4.66 13.24 1.72
CA ASP B 361 4.80 14.69 1.64
C ASP B 361 6.03 15.05 0.79
N HIS B 362 5.83 15.13 -0.52
CA HIS B 362 6.87 15.45 -1.48
C HIS B 362 6.65 16.80 -2.17
N LEU B 363 5.87 17.66 -1.51
CA LEU B 363 5.54 18.99 -2.03
C LEU B 363 6.79 19.82 -2.28
N GLU B 364 7.69 19.92 -1.30
CA GLU B 364 8.93 20.66 -1.50
C GLU B 364 9.69 20.12 -2.70
N PHE B 365 9.81 18.80 -2.78
CA PHE B 365 10.51 18.15 -3.88
C PHE B 365 9.93 18.51 -5.24
N TRP B 366 8.63 18.23 -5.43
CA TRP B 366 8.01 18.46 -6.73
C TRP B 366 7.98 19.92 -7.08
N GLU B 367 7.64 20.76 -6.13
CA GLU B 367 7.72 22.19 -6.35
C GLU B 367 9.13 22.56 -6.80
N GLY B 368 10.13 21.98 -6.14
CA GLY B 368 11.51 22.15 -6.55
C GLY B 368 11.81 21.77 -7.99
N VAL B 369 11.47 20.57 -8.42
CA VAL B 369 11.84 20.20 -9.78
C VAL B 369 11.14 21.06 -10.84
N PHE B 370 9.86 21.36 -10.68
CA PHE B 370 9.18 22.18 -11.70
C PHE B 370 9.68 23.62 -11.74
N THR B 371 10.13 24.14 -10.60
CA THR B 371 10.73 25.47 -10.55
C THR B 371 11.97 25.53 -11.42
N GLY B 372 12.72 24.44 -11.44
CA GLY B 372 13.92 24.37 -12.26
C GLY B 372 13.64 24.18 -13.75
N LEU B 373 12.42 23.78 -14.11
CA LEU B 373 12.16 23.45 -15.52
C LEU B 373 11.81 24.70 -16.35
N THR B 374 12.82 25.52 -16.62
CA THR B 374 12.58 26.83 -17.23
C THR B 374 12.77 26.84 -18.75
N HIS B 375 12.14 27.82 -19.40
CA HIS B 375 12.26 28.03 -20.83
C HIS B 375 11.74 26.86 -21.63
N ILE B 376 10.62 26.29 -21.20
CA ILE B 376 10.01 25.27 -22.02
C ILE B 376 9.59 25.87 -23.38
N ASP B 377 9.76 25.11 -24.44
CA ASP B 377 9.31 25.52 -25.76
C ASP B 377 7.78 25.54 -25.82
N ALA B 378 7.20 26.70 -26.14
CA ALA B 378 5.75 26.83 -26.10
C ALA B 378 5.03 25.88 -27.06
N HIS B 379 5.62 25.66 -28.24
CA HIS B 379 4.98 24.84 -29.26
C HIS B 379 4.84 23.39 -28.81
N PHE B 380 5.92 22.83 -28.29
CA PHE B 380 5.90 21.45 -27.80
C PHE B 380 4.82 21.24 -26.74
N LEU B 381 4.69 22.19 -25.81
CA LEU B 381 3.71 22.11 -24.74
C LEU B 381 2.28 22.03 -25.30
N SER B 382 1.99 22.87 -26.30
CA SER B 382 0.74 22.76 -27.06
C SER B 382 0.48 21.36 -27.59
N GLN B 383 1.51 20.78 -28.19
CA GLN B 383 1.34 19.51 -28.87
C GLN B 383 1.11 18.41 -27.84
N THR B 384 1.85 18.42 -26.74
CA THR B 384 1.72 17.37 -25.74
C THR B 384 0.37 17.54 -25.01
N LYS B 385 -0.07 18.78 -24.89
CA LYS B 385 -1.38 19.06 -24.30
C LYS B 385 -2.52 18.58 -25.21
N GLN B 386 -2.46 18.94 -26.49
CA GLN B 386 -3.45 18.47 -27.48
C GLN B 386 -3.61 16.97 -27.52
N SER B 387 -2.47 16.30 -27.41
CA SER B 387 -2.36 14.86 -27.59
C SER B 387 -2.78 14.05 -26.36
N GLY B 388 -3.05 14.72 -25.24
CA GLY B 388 -3.51 14.02 -24.06
C GLY B 388 -2.52 13.11 -23.34
N GLU B 389 -1.21 13.38 -23.44
CA GLU B 389 -0.26 12.69 -22.56
C GLU B 389 -0.56 12.98 -21.11
N ASN B 390 -0.07 12.08 -20.26
CA ASN B 390 -0.28 12.17 -18.82
C ASN B 390 0.52 13.28 -18.14
N PHE B 391 1.70 13.54 -18.67
CA PHE B 391 2.55 14.56 -18.12
C PHE B 391 2.93 15.50 -19.24
N PRO B 392 1.97 16.29 -19.73
CA PRO B 392 2.29 17.16 -20.86
C PRO B 392 3.47 18.06 -20.55
N TYR B 393 3.56 18.65 -19.36
CA TYR B 393 4.68 19.53 -19.10
C TYR B 393 6.02 18.81 -19.15
N LEU B 394 6.14 17.68 -18.46
CA LEU B 394 7.38 16.92 -18.41
C LEU B 394 7.80 16.39 -19.79
N VAL B 395 6.84 15.88 -20.56
CA VAL B 395 7.14 15.37 -21.90
C VAL B 395 7.70 16.49 -22.76
N ALA B 396 6.98 17.59 -22.82
CA ALA B 396 7.40 18.72 -23.65
C ALA B 396 8.71 19.35 -23.16
N TYR B 397 9.01 19.20 -21.86
CA TYR B 397 10.25 19.79 -21.39
C TYR B 397 11.42 18.92 -21.78
N GLN B 398 11.24 17.61 -21.68
CA GLN B 398 12.30 16.72 -22.11
C GLN B 398 12.53 16.95 -23.61
N ALA B 399 11.45 17.26 -24.32
CA ALA B 399 11.56 17.50 -25.76
C ALA B 399 12.24 18.81 -26.04
N THR B 400 11.96 19.80 -25.20
CA THR B 400 12.58 21.11 -25.34
C THR B 400 14.09 20.99 -25.17
N VAL B 401 14.50 20.07 -24.31
CA VAL B 401 15.92 19.97 -23.96
C VAL B 401 16.64 19.24 -25.08
N CYS B 402 15.93 18.30 -25.70
CA CYS B 402 16.40 17.68 -26.93
C CYS B 402 16.62 18.69 -28.06
N ALA B 403 15.61 19.46 -28.41
CA ALA B 403 15.74 20.47 -29.46
C ALA B 403 16.90 21.47 -29.25
N ARG B 404 17.11 21.94 -28.02
CA ARG B 404 18.19 22.87 -27.76
C ARG B 404 19.52 22.20 -27.95
N ALA B 405 19.65 21.01 -27.38
CA ALA B 405 20.87 20.23 -27.48
C ALA B 405 21.00 19.66 -28.86
N GLN B 406 19.96 19.90 -29.68
CA GLN B 406 19.68 19.15 -30.90
C GLN B 406 20.13 17.71 -30.73
N ALA B 407 19.24 16.91 -30.14
CA ALA B 407 19.45 15.49 -29.81
C ALA B 407 18.10 14.77 -29.88
N PRO B 408 18.10 13.45 -30.09
CA PRO B 408 16.82 12.73 -30.24
C PRO B 408 16.13 12.33 -28.91
N PRO B 409 14.82 12.00 -28.96
CA PRO B 409 13.99 11.49 -27.84
C PRO B 409 14.52 10.20 -27.22
N PRO B 410 14.04 9.83 -26.03
CA PRO B 410 14.41 8.58 -25.34
C PRO B 410 13.85 7.31 -25.99
N SER B 411 12.89 7.53 -26.87
CA SER B 411 12.09 6.47 -27.46
C SER B 411 11.52 7.05 -28.73
N TRP B 412 10.59 6.34 -29.37
CA TRP B 412 9.89 6.95 -30.49
C TRP B 412 8.44 6.55 -30.45
N ASP B 413 8.06 6.02 -29.29
CA ASP B 413 6.67 5.92 -28.88
C ASP B 413 6.04 7.31 -29.05
N GLN B 414 4.74 7.37 -29.06
CA GLN B 414 4.05 8.36 -29.84
C GLN B 414 3.81 9.51 -28.88
N MET B 415 4.18 9.26 -27.62
CA MET B 415 4.47 10.30 -26.59
C MET B 415 5.44 11.40 -27.08
N TRP B 416 6.46 11.00 -27.84
CA TRP B 416 7.49 11.96 -28.27
C TRP B 416 7.23 12.55 -29.65
N LYS B 417 5.97 12.59 -30.06
CA LYS B 417 5.58 13.08 -31.39
C LYS B 417 6.19 14.42 -31.78
N CYS B 418 6.04 15.42 -30.92
CA CYS B 418 6.37 16.80 -31.27
C CYS B 418 7.72 16.99 -31.95
N LEU B 419 8.56 15.96 -31.84
CA LEU B 419 9.93 16.02 -32.34
C LEU B 419 10.15 15.22 -33.62
N ILE B 420 9.18 15.14 -34.53
CA ILE B 420 9.47 14.48 -35.80
C ILE B 420 10.04 15.54 -36.75
N ARG B 421 11.01 16.27 -36.19
CA ARG B 421 12.09 16.96 -36.88
C ARG B 421 13.27 15.96 -36.82
N LEU B 422 12.91 14.70 -37.09
CA LEU B 422 13.62 13.56 -36.54
C LEU B 422 15.11 13.48 -36.92
N LYS B 423 15.55 14.07 -38.04
CA LYS B 423 17.00 14.19 -38.29
C LYS B 423 17.61 15.49 -38.83
N PRO B 424 17.04 16.69 -38.50
CA PRO B 424 18.06 17.74 -38.28
C PRO B 424 19.03 17.23 -37.23
N THR B 425 18.49 16.41 -36.33
CA THR B 425 19.32 15.68 -35.39
C THR B 425 18.91 14.24 -35.06
N LEU B 426 19.81 13.32 -35.40
CA LEU B 426 19.80 11.97 -34.85
C LEU B 426 21.02 11.87 -33.93
N HIS B 427 21.67 13.02 -33.71
CA HIS B 427 22.94 13.09 -32.99
C HIS B 427 22.93 12.34 -31.65
N GLY B 428 22.83 11.02 -31.75
CA GLY B 428 23.10 10.10 -30.64
C GLY B 428 22.42 10.31 -29.30
N PRO B 429 23.22 10.65 -28.27
CA PRO B 429 22.86 10.58 -26.85
C PRO B 429 21.72 11.51 -26.45
N THR B 430 20.76 10.96 -25.72
CA THR B 430 19.64 11.75 -25.22
C THR B 430 19.90 12.30 -23.82
N PRO B 431 19.81 13.63 -23.64
CA PRO B 431 19.94 14.19 -22.29
C PRO B 431 18.74 13.83 -21.44
N LEU B 432 18.86 12.72 -20.73
CA LEU B 432 17.74 12.13 -20.00
C LEU B 432 17.53 12.78 -18.61
N LEU B 433 16.37 13.43 -18.44
CA LEU B 433 16.03 14.19 -17.24
C LEU B 433 15.33 13.34 -16.21
N TYR B 434 14.61 12.35 -16.73
CA TYR B 434 13.68 11.53 -15.99
C TYR B 434 13.16 10.45 -16.91
N ARG B 435 12.67 9.34 -16.36
CA ARG B 435 12.13 8.29 -17.24
C ARG B 435 10.60 8.33 -17.24
N LEU B 436 10.03 8.61 -18.41
CA LEU B 436 8.57 8.69 -18.57
C LEU B 436 8.02 7.45 -19.27
N GLY B 437 8.93 6.53 -19.59
CA GLY B 437 8.59 5.32 -20.29
C GLY B 437 9.89 4.57 -20.47
N ALA B 438 9.96 3.74 -21.50
CA ALA B 438 11.15 2.94 -21.73
C ALA B 438 12.07 3.70 -22.63
N VAL B 439 13.38 3.54 -22.39
CA VAL B 439 14.37 4.26 -23.15
C VAL B 439 15.03 3.34 -24.17
N GLN B 440 15.09 3.78 -25.43
CA GLN B 440 15.63 2.93 -26.49
C GLN B 440 16.83 3.59 -27.15
N ASN B 441 17.11 4.82 -26.76
CA ASN B 441 18.30 5.52 -27.24
C ASN B 441 19.35 5.53 -26.13
N GLU B 442 20.60 5.80 -26.48
CA GLU B 442 21.60 5.83 -25.42
C GLU B 442 21.57 7.23 -24.82
N VAL B 443 21.83 7.28 -23.52
CA VAL B 443 21.59 8.50 -22.79
C VAL B 443 22.87 9.20 -22.38
N THR B 444 22.72 10.42 -21.89
CA THR B 444 23.80 11.14 -21.23
C THR B 444 23.22 11.83 -19.99
N LEU B 445 23.77 11.48 -18.84
CA LEU B 445 23.31 11.98 -17.55
C LEU B 445 24.02 13.29 -17.19
N THR B 446 24.31 14.09 -18.20
CA THR B 446 25.23 15.21 -18.01
C THR B 446 24.55 16.59 -17.96
N HIS B 447 23.33 16.67 -18.49
CA HIS B 447 22.63 17.95 -18.66
C HIS B 447 22.40 18.63 -17.32
N PRO B 448 22.49 19.97 -17.26
CA PRO B 448 22.33 20.61 -15.93
C PRO B 448 20.96 20.37 -15.30
N ILE B 449 19.93 20.17 -16.12
CA ILE B 449 18.57 19.97 -15.57
C ILE B 449 18.54 18.61 -14.90
N THR B 450 19.25 17.65 -15.47
CA THR B 450 19.38 16.35 -14.83
C THR B 450 20.03 16.50 -13.46
N LYS B 451 21.09 17.31 -13.36
CA LYS B 451 21.84 17.49 -12.12
C LYS B 451 21.03 18.22 -11.06
N TYR B 452 20.26 19.21 -11.50
CA TYR B 452 19.38 19.97 -10.65
C TYR B 452 18.32 19.06 -9.99
N ILE B 453 17.71 18.16 -10.77
CA ILE B 453 16.67 17.27 -10.23
C ILE B 453 17.27 16.32 -9.23
N MET B 454 18.42 15.75 -9.60
CA MET B 454 19.15 14.87 -8.70
C MET B 454 19.41 15.55 -7.37
N THR B 455 19.76 16.84 -7.43
CA THR B 455 20.07 17.58 -6.21
C THR B 455 18.80 17.88 -5.41
N CYS B 456 17.71 18.22 -6.10
CA CYS B 456 16.38 18.25 -5.46
C CYS B 456 16.09 16.94 -4.74
N MET B 457 16.41 15.82 -5.37
CA MET B 457 16.10 14.51 -4.78
C MET B 457 16.86 14.29 -3.49
N SER B 458 18.14 14.65 -3.47
CA SER B 458 18.97 14.39 -2.29
C SER B 458 18.68 15.36 -1.17
N ALA B 459 18.26 16.57 -1.50
CA ALA B 459 17.96 17.55 -0.46
C ALA B 459 16.52 17.47 0.06
N ASP B 460 15.59 17.25 -0.84
CA ASP B 460 14.20 17.37 -0.47
C ASP B 460 13.62 16.03 -0.02
N LEU B 461 14.19 14.92 -0.46
CA LEU B 461 13.65 13.59 -0.09
C LEU B 461 14.47 12.94 1.02
N GLU B 462 13.77 12.55 2.10
CA GLU B 462 14.39 12.11 3.35
C GLU B 462 15.39 13.16 3.87
#